data_8TV1
#
_entry.id   8TV1
#
_cell.length_a   123.437
_cell.length_b   73.249
_cell.length_c   118.570
_cell.angle_alpha   90.000
_cell.angle_beta   107.430
_cell.angle_gamma   90.000
#
_symmetry.space_group_name_H-M   'C 1 2 1'
#
loop_
_entity.id
_entity.type
_entity.pdbx_description
1 polymer 'S1C variant of Fab_L1 heavy chain'
2 polymer 'S1C variant of Fab_L1 light chain'
3 polymer 'Ephrin type-A receptor 2'
4 non-polymer 'CHLORIDE ION'
5 non-polymer 1,2-ETHANEDIOL
6 water water
#
loop_
_entity_poly.entity_id
_entity_poly.type
_entity_poly.pdbx_seq_one_letter_code
_entity_poly.pdbx_strand_id
1 'polypeptide(L)'
;EVQLVESGGGLVQPGGSLRLSCAASGFTISSSYIHWVRQAPGKGLEWVASISSYYGSTSYADSVKGRFTISADTSKNTAY
LQMNSLRAEDTAVYYCARSHYSVWWGWHSVSYYAAFDYWGQGTLVTVSSASTKGPSVFPLAPSSKSTSGGTAALGCLVKD
YFPEPVTVSWNSGALTSGVHTFPAVLQSSGLYSLSSVVTVPSSSLGTQTYICNVNHKPSNTKVDKKVEPKSCDKTHT
;
D
2 'polypeptide(L)'
;DIQMTQSPSSLSASVGDRVTITCRASQSVSSAVAWYQQKPGKAPKLLIYSASSLYSGVPSRFSGSRSGTDFTLTISSLQP
EDFATYYCQQGSAPFTFGQGTKVEIKRTVAAPSVFIFPPSDEQLKSGTASVVCLLNNFYPREAKVSWYVDNALQSGNSQE
SVTEQDSKDSTYSLSSTLTLSKADYEKHKVYACEVTQGTTSVTKSFNRGEC
;
E
3 'polypeptide(L)'
;AAQGKEVVLLDFAAAGGELGWLTHPYGKGWDLMQNIMNDMPIYMYSVCNVMSGDQDNWLRTNWVYRGEAERIFIELKFTV
RDCNSFPGGASSCKETFNLYYAESDLDYGTNFQKRLFTKIDTIAPDEITVSSDFEARHVKLNVEERSVGPLTRKGFYLAF
QDIGACVALLSVRVYYKKCPELLQGLAHFPETIAGSDAPSLATVAGTCVDHAVVPPGGEEPRMHCAVDGEWLVPIGQCLC
QAGYEKVEDACQACSPGFFKFEASESPCLECPEHTLPSPEGATSCECEEGFFRAPQDPASMPCTLVPR
;
C
#
# COMPACT_ATOMS: atom_id res chain seq x y z
N GLU A 1 -17.95 -15.18 -1.50
CA GLU A 1 -18.07 -13.84 -0.94
C GLU A 1 -17.41 -13.75 0.44
N VAL A 2 -16.36 -12.92 0.53
CA VAL A 2 -15.68 -12.66 1.80
C VAL A 2 -16.62 -11.90 2.73
N GLN A 3 -16.59 -12.25 4.03
CA GLN A 3 -17.49 -11.60 4.97
C GLN A 3 -16.90 -11.54 6.37
N LEU A 4 -17.08 -10.40 7.06
CA LEU A 4 -16.69 -10.23 8.45
C LEU A 4 -17.90 -9.72 9.22
N VAL A 5 -18.18 -10.35 10.37
CA VAL A 5 -19.35 -9.99 11.15
C VAL A 5 -18.94 -9.71 12.59
N GLU A 6 -19.20 -8.50 13.07
CA GLU A 6 -19.00 -8.12 14.45
C GLU A 6 -20.22 -8.45 15.30
N SER A 7 -19.96 -8.79 16.55
CA SER A 7 -20.98 -8.85 17.60
C SER A 7 -20.24 -8.67 18.91
N GLY A 8 -21.00 -8.54 20.00
CA GLY A 8 -20.45 -8.30 21.32
C GLY A 8 -20.62 -6.87 21.81
N GLY A 9 -20.92 -5.93 20.92
CA GLY A 9 -21.06 -4.55 21.34
C GLY A 9 -22.16 -4.38 22.36
N GLY A 10 -22.25 -3.18 22.93
CA GLY A 10 -23.30 -2.93 23.90
C GLY A 10 -22.86 -1.93 24.96
N LEU A 11 -23.67 -1.87 26.01
CA LEU A 11 -23.54 -0.88 27.07
C LEU A 11 -22.84 -1.53 28.26
N VAL A 12 -21.81 -0.87 28.77
CA VAL A 12 -20.95 -1.42 29.78
C VAL A 12 -20.56 -0.27 30.71
N GLN A 13 -20.42 -0.59 32.00
CA GLN A 13 -20.06 0.42 32.98
C GLN A 13 -18.57 0.74 32.90
N PRO A 14 -18.18 1.96 33.29
CA PRO A 14 -16.75 2.29 33.32
C PRO A 14 -15.99 1.28 34.16
N GLY A 15 -14.80 0.93 33.68
CA GLY A 15 -14.02 -0.12 34.31
C GLY A 15 -14.47 -1.53 34.00
N GLY A 16 -15.58 -1.69 33.27
CA GLY A 16 -16.08 -3.01 32.95
C GLY A 16 -15.32 -3.67 31.81
N SER A 17 -15.80 -4.85 31.45
CA SER A 17 -15.20 -5.64 30.41
C SER A 17 -16.25 -6.02 29.41
N LEU A 18 -15.83 -6.08 28.15
CA LEU A 18 -16.61 -6.53 27.02
C LEU A 18 -15.68 -7.30 26.11
N ARG A 19 -16.17 -8.36 25.48
CA ARG A 19 -15.39 -9.12 24.50
C ARG A 19 -16.09 -9.07 23.16
N LEU A 20 -15.40 -8.56 22.14
CA LEU A 20 -15.98 -8.47 20.81
C LEU A 20 -15.58 -9.66 19.97
N SER A 21 -16.41 -9.94 18.98
CA SER A 21 -16.25 -11.09 18.12
C SER A 21 -16.28 -10.61 16.69
N CYS A 22 -15.38 -11.15 15.89
CA CYS A 22 -15.32 -10.84 14.47
C CYS A 22 -15.38 -12.18 13.77
N ALA A 23 -16.54 -12.53 13.22
CA ALA A 23 -16.72 -13.82 12.56
C ALA A 23 -16.43 -13.66 11.08
N ALA A 24 -15.43 -14.38 10.60
CA ALA A 24 -15.02 -14.30 9.20
C ALA A 24 -15.57 -15.49 8.43
N SER A 25 -15.95 -15.24 7.17
CA SER A 25 -16.33 -16.30 6.24
C SER A 25 -15.89 -15.91 4.85
N GLY A 26 -15.80 -16.90 3.97
CA GLY A 26 -15.36 -16.70 2.62
C GLY A 26 -13.85 -16.72 2.42
N PHE A 27 -13.08 -16.80 3.50
CA PHE A 27 -11.63 -16.87 3.47
C PHE A 27 -11.18 -17.36 4.84
N THR A 28 -9.92 -17.82 4.93
CA THR A 28 -9.36 -18.29 6.18
C THR A 28 -8.47 -17.21 6.80
N ILE A 29 -8.56 -17.06 8.12
CA ILE A 29 -7.85 -15.97 8.80
C ILE A 29 -6.34 -16.09 8.60
N SER A 30 -5.83 -17.32 8.67
CA SER A 30 -4.40 -17.57 8.61
C SER A 30 -3.70 -16.78 7.50
N SER A 31 -4.41 -16.49 6.41
CA SER A 31 -3.79 -15.83 5.26
C SER A 31 -3.69 -14.31 5.39
N SER A 32 -4.24 -13.71 6.44
CA SER A 32 -4.26 -12.26 6.48
C SER A 32 -4.23 -11.74 7.91
N TYR A 33 -3.85 -10.47 8.02
CA TYR A 33 -4.07 -9.68 9.21
C TYR A 33 -5.56 -9.59 9.49
N ILE A 34 -5.94 -9.61 10.77
CA ILE A 34 -7.28 -9.22 11.17
C ILE A 34 -7.13 -8.01 12.08
N HIS A 35 -7.78 -6.91 11.72
CA HIS A 35 -7.64 -5.64 12.43
C HIS A 35 -8.92 -5.26 13.16
N TRP A 36 -8.76 -4.44 14.19
CA TRP A 36 -9.87 -3.73 14.84
C TRP A 36 -9.58 -2.25 14.67
N VAL A 37 -10.53 -1.52 14.10
CA VAL A 37 -10.47 -0.07 13.99
C VAL A 37 -11.74 0.48 14.62
N ARG A 38 -11.65 1.62 15.28
CA ARG A 38 -12.77 2.15 16.05
C ARG A 38 -13.06 3.59 15.63
N GLN A 39 -14.31 4.00 15.83
CA GLN A 39 -14.74 5.35 15.49
C GLN A 39 -15.63 5.91 16.62
N ALA A 40 -15.03 6.76 17.43
CA ALA A 40 -15.81 7.46 18.45
C ALA A 40 -16.83 8.36 17.77
N PRO A 41 -18.03 8.50 18.32
CA PRO A 41 -19.07 9.23 17.59
C PRO A 41 -18.61 10.66 17.31
N GLY A 42 -18.69 11.04 16.03
CA GLY A 42 -18.20 12.32 15.55
C GLY A 42 -16.71 12.37 15.28
N LYS A 43 -15.98 11.29 15.50
CA LYS A 43 -14.52 11.30 15.40
C LYS A 43 -14.06 10.46 14.21
N GLY A 44 -12.75 10.49 13.94
CA GLY A 44 -12.21 9.78 12.80
C GLY A 44 -11.93 8.30 13.09
N LEU A 45 -11.52 7.58 12.05
CA LEU A 45 -11.11 6.19 12.20
C LEU A 45 -9.80 6.11 12.98
N GLU A 46 -9.78 5.27 14.00
CA GLU A 46 -8.58 4.98 14.77
C GLU A 46 -8.30 3.48 14.67
N TRP A 47 -7.15 3.13 14.10
CA TRP A 47 -6.69 1.77 14.21
C TRP A 47 -6.33 1.48 15.67
N VAL A 48 -6.57 0.25 16.10
CA VAL A 48 -6.51 -0.09 17.51
C VAL A 48 -5.63 -1.31 17.77
N ALA A 49 -5.76 -2.36 16.96
CA ALA A 49 -5.14 -3.64 17.26
C ALA A 49 -4.99 -4.46 15.99
N SER A 50 -4.14 -5.47 16.03
CA SER A 50 -4.13 -6.38 14.89
C SER A 50 -3.57 -7.72 15.34
N ILE A 51 -3.92 -8.76 14.60
CA ILE A 51 -3.42 -10.11 14.86
C ILE A 51 -3.26 -10.84 13.53
N SER A 52 -2.22 -11.66 13.47
CA SER A 52 -1.99 -12.66 12.43
C SER A 52 -2.12 -14.03 13.09
N SER A 53 -3.15 -14.81 12.73
CA SER A 53 -3.37 -16.05 13.46
C SER A 53 -2.35 -17.10 13.06
N TYR A 54 -1.81 -17.00 11.85
CA TYR A 54 -0.76 -17.90 11.43
C TYR A 54 0.48 -17.74 12.31
N TYR A 55 0.96 -16.51 12.45
CA TYR A 55 2.21 -16.27 13.17
C TYR A 55 2.02 -16.03 14.66
N GLY A 56 0.83 -15.64 15.09
CA GLY A 56 0.58 -15.33 16.48
C GLY A 56 1.08 -13.98 16.93
N SER A 57 1.41 -13.09 16.01
CA SER A 57 1.83 -11.76 16.39
C SER A 57 0.62 -10.86 16.68
N THR A 58 0.83 -9.91 17.59
CA THR A 58 -0.18 -8.96 17.99
C THR A 58 0.45 -7.59 18.17
N SER A 59 -0.30 -6.55 17.85
CA SER A 59 0.15 -5.19 18.09
C SER A 59 -1.06 -4.30 18.43
N TYR A 60 -0.80 -3.20 19.12
CA TYR A 60 -1.86 -2.36 19.62
C TYR A 60 -1.50 -0.89 19.46
N ALA A 61 -2.51 -0.06 19.27
CA ALA A 61 -2.33 1.38 19.41
C ALA A 61 -2.03 1.73 20.86
N ASP A 62 -1.27 2.82 21.07
CA ASP A 62 -0.91 3.20 22.43
C ASP A 62 -2.14 3.49 23.29
N SER A 63 -3.16 4.13 22.70
CA SER A 63 -4.36 4.48 23.48
C SER A 63 -4.97 3.26 24.15
N VAL A 64 -4.53 2.06 23.79
CA VAL A 64 -5.19 0.79 24.09
C VAL A 64 -4.27 -0.24 24.77
N LYS A 65 -2.98 -0.26 24.40
CA LYS A 65 -1.98 -1.18 24.96
C LYS A 65 -2.15 -1.35 26.47
N GLY A 66 -2.16 -2.60 26.92
CA GLY A 66 -2.25 -2.92 28.31
C GLY A 66 -3.67 -3.19 28.78
N ARG A 67 -4.67 -2.61 28.11
CA ARG A 67 -6.05 -2.81 28.49
C ARG A 67 -6.82 -3.72 27.54
N PHE A 68 -6.47 -3.76 26.25
CA PHE A 68 -7.14 -4.62 25.28
C PHE A 68 -6.22 -5.77 24.87
N THR A 69 -6.80 -6.94 24.66
CA THR A 69 -6.07 -8.07 24.08
C THR A 69 -6.87 -8.62 22.90
N ILE A 70 -6.24 -8.61 21.70
CA ILE A 70 -6.77 -9.25 20.50
C ILE A 70 -6.28 -10.68 20.49
N SER A 71 -7.15 -11.60 20.09
CA SER A 71 -6.83 -13.01 19.94
C SER A 71 -7.66 -13.55 18.79
N ALA A 72 -7.50 -14.84 18.51
CA ALA A 72 -8.17 -15.45 17.36
C ALA A 72 -8.28 -16.95 17.62
N ASP A 73 -9.27 -17.56 16.99
CA ASP A 73 -9.47 -19.01 17.11
C ASP A 73 -9.61 -19.61 15.72
N THR A 74 -8.57 -20.28 15.24
CA THR A 74 -8.56 -20.78 13.88
C THR A 74 -9.74 -21.74 13.63
N SER A 75 -10.21 -22.44 14.67
CA SER A 75 -11.28 -23.42 14.48
C SER A 75 -12.59 -22.77 14.03
N LYS A 76 -13.04 -21.75 14.77
CA LYS A 76 -14.26 -21.06 14.37
C LYS A 76 -14.00 -19.99 13.35
N ASN A 77 -12.75 -19.80 12.93
CA ASN A 77 -12.40 -18.74 11.99
C ASN A 77 -12.97 -17.39 12.47
N THR A 78 -12.57 -17.02 13.67
CA THR A 78 -13.12 -15.88 14.40
C THR A 78 -11.98 -15.17 15.16
N ALA A 79 -12.07 -13.84 15.23
CA ALA A 79 -11.13 -13.02 15.97
C ALA A 79 -11.89 -12.27 17.07
N TYR A 80 -11.21 -12.03 18.18
CA TYR A 80 -11.83 -11.40 19.34
C TYR A 80 -10.97 -10.26 19.84
N LEU A 81 -11.63 -9.31 20.49
CA LEU A 81 -10.98 -8.19 21.15
C LEU A 81 -11.49 -8.17 22.58
N GLN A 82 -10.66 -8.58 23.53
CA GLN A 82 -11.00 -8.48 24.93
C GLN A 82 -10.66 -7.08 25.40
N MET A 83 -11.66 -6.32 25.85
CA MET A 83 -11.45 -4.99 26.38
C MET A 83 -11.67 -4.99 27.88
N ASN A 84 -10.70 -4.46 28.61
CA ASN A 84 -10.81 -4.31 30.05
C ASN A 84 -10.61 -2.84 30.42
N SER A 85 -11.05 -2.48 31.63
CA SER A 85 -10.85 -1.14 32.18
C SER A 85 -11.35 -0.04 31.23
N LEU A 86 -12.59 -0.18 30.78
CA LEU A 86 -13.13 0.73 29.78
C LEU A 86 -13.39 2.12 30.36
N ARG A 87 -13.13 3.15 29.56
CA ARG A 87 -13.34 4.55 29.91
C ARG A 87 -14.34 5.15 28.93
N ALA A 88 -14.82 6.36 29.26
CA ALA A 88 -15.76 7.03 28.37
C ALA A 88 -15.16 7.24 27.00
N GLU A 89 -13.83 7.43 26.93
CA GLU A 89 -13.13 7.60 25.66
C GLU A 89 -13.13 6.33 24.79
N ASP A 90 -13.53 5.17 25.29
CA ASP A 90 -13.58 3.99 24.42
C ASP A 90 -14.93 3.80 23.75
N THR A 91 -15.90 4.69 24.01
CA THR A 91 -17.18 4.62 23.31
C THR A 91 -16.95 4.79 21.81
N ALA A 92 -17.31 3.78 21.03
CA ALA A 92 -17.10 3.85 19.59
C ALA A 92 -17.88 2.75 18.91
N VAL A 93 -18.01 2.90 17.61
CA VAL A 93 -18.28 1.77 16.74
C VAL A 93 -16.95 1.05 16.54
N TYR A 94 -16.96 -0.27 16.76
CA TYR A 94 -15.79 -1.09 16.53
C TYR A 94 -16.00 -1.91 15.26
N TYR A 95 -15.21 -1.61 14.22
CA TYR A 95 -15.18 -2.42 13.01
C TYR A 95 -14.04 -3.41 13.06
N CYS A 96 -14.22 -4.54 12.39
CA CYS A 96 -13.06 -5.35 12.08
C CYS A 96 -12.88 -5.37 10.57
N ALA A 97 -11.65 -5.68 10.18
CA ALA A 97 -11.22 -5.60 8.80
C ALA A 97 -10.04 -6.54 8.61
N ARG A 98 -9.77 -6.88 7.36
CA ARG A 98 -8.63 -7.71 7.04
C ARG A 98 -7.71 -6.93 6.12
N SER A 99 -6.50 -7.46 6.00
CA SER A 99 -5.47 -6.97 5.10
C SER A 99 -4.45 -8.07 4.97
N HIS A 100 -3.75 -8.07 3.83
CA HIS A 100 -2.67 -9.01 3.62
C HIS A 100 -1.46 -8.56 4.42
N TYR A 101 -0.86 -9.49 5.17
CA TYR A 101 0.27 -9.19 6.02
C TYR A 101 1.57 -9.36 5.25
N SER A 102 2.63 -8.78 5.80
CA SER A 102 3.96 -8.92 5.24
C SER A 102 4.95 -8.95 6.39
N VAL A 103 5.88 -9.90 6.31
CA VAL A 103 6.93 -10.00 7.31
C VAL A 103 7.98 -8.91 7.12
N TRP A 104 8.06 -8.31 5.94
CA TRP A 104 9.07 -7.29 5.66
C TRP A 104 8.40 -5.94 5.53
N TRP A 105 8.79 -5.02 6.41
CA TRP A 105 8.19 -3.68 6.39
C TRP A 105 8.49 -2.99 5.07
N GLY A 106 7.47 -2.34 4.52
CA GLY A 106 7.63 -1.61 3.27
C GLY A 106 7.51 -2.44 2.02
N TRP A 107 7.11 -3.70 2.14
CA TRP A 107 6.95 -4.60 1.02
C TRP A 107 5.54 -5.15 1.00
N HIS A 108 4.99 -5.35 -0.19
CA HIS A 108 3.64 -5.86 -0.36
C HIS A 108 3.62 -6.89 -1.48
N SER A 109 2.74 -7.88 -1.32
CA SER A 109 2.55 -8.88 -2.35
C SER A 109 1.91 -8.24 -3.58
N VAL A 110 2.52 -8.44 -4.75
CA VAL A 110 1.98 -7.79 -5.94
C VAL A 110 0.57 -8.28 -6.25
N SER A 111 0.30 -9.57 -5.97
CA SER A 111 -0.99 -10.16 -6.32
C SER A 111 -2.01 -10.16 -5.18
N TYR A 112 -1.56 -10.13 -3.92
CA TYR A 112 -2.46 -10.32 -2.79
C TYR A 112 -2.68 -9.10 -1.92
N TYR A 113 -1.88 -8.04 -2.03
CA TYR A 113 -2.11 -6.88 -1.18
C TYR A 113 -3.20 -6.00 -1.77
N ALA A 114 -4.19 -5.66 -0.94
CA ALA A 114 -5.18 -4.65 -1.29
C ALA A 114 -5.57 -3.81 -0.07
N ALA A 115 -4.64 -3.52 0.82
CA ALA A 115 -4.91 -2.68 1.99
C ALA A 115 -6.05 -3.32 2.77
N PHE A 116 -6.86 -2.50 3.46
CA PHE A 116 -8.02 -3.00 4.21
C PHE A 116 -9.18 -3.15 3.23
N ASP A 117 -9.22 -4.30 2.54
CA ASP A 117 -10.14 -4.44 1.41
C ASP A 117 -11.55 -4.83 1.82
N TYR A 118 -11.72 -5.54 2.94
CA TYR A 118 -13.05 -5.96 3.40
C TYR A 118 -13.26 -5.54 4.86
N TRP A 119 -14.45 -5.01 5.15
CA TRP A 119 -14.78 -4.59 6.51
C TRP A 119 -16.07 -5.25 6.99
N GLY A 120 -16.21 -5.29 8.30
CA GLY A 120 -17.48 -5.67 8.92
C GLY A 120 -18.45 -4.51 8.82
N GLN A 121 -19.56 -4.63 9.55
CA GLN A 121 -20.49 -3.52 9.58
C GLN A 121 -20.34 -2.68 10.84
N GLY A 122 -19.78 -3.22 11.89
CA GLY A 122 -19.57 -2.43 13.08
C GLY A 122 -20.49 -2.87 14.21
N THR A 123 -20.01 -2.74 15.44
CA THR A 123 -20.80 -2.94 16.63
C THR A 123 -20.50 -1.80 17.59
N LEU A 124 -21.54 -1.25 18.19
CA LEU A 124 -21.40 -0.09 19.05
C LEU A 124 -21.08 -0.53 20.47
N VAL A 125 -20.10 0.11 21.08
CA VAL A 125 -19.76 -0.08 22.48
C VAL A 125 -19.99 1.25 23.17
N THR A 126 -20.81 1.27 24.22
CA THR A 126 -21.09 2.50 24.96
C THR A 126 -20.66 2.29 26.41
N VAL A 127 -19.75 3.14 26.89
CA VAL A 127 -19.24 3.02 28.25
C VAL A 127 -19.91 4.11 29.08
N SER A 128 -20.76 3.71 30.03
CA SER A 128 -21.58 4.67 30.75
C SER A 128 -22.16 4.07 32.02
N SER A 129 -22.48 4.96 32.99
CA SER A 129 -23.14 4.60 34.24
C SER A 129 -24.65 4.61 34.13
N ALA A 130 -25.20 5.16 33.04
CA ALA A 130 -26.65 5.23 32.91
C ALA A 130 -27.22 3.85 32.68
N SER A 131 -28.40 3.63 33.24
CA SER A 131 -29.11 2.38 32.99
C SER A 131 -29.71 2.38 31.58
N THR A 132 -30.01 1.18 31.10
CA THR A 132 -30.77 1.04 29.88
C THR A 132 -32.19 1.51 30.09
N LYS A 133 -32.70 2.29 29.14
CA LYS A 133 -34.09 2.72 29.15
C LYS A 133 -34.67 2.60 27.74
N GLY A 134 -35.80 1.91 27.62
CA GLY A 134 -36.50 1.81 26.35
C GLY A 134 -37.22 3.09 25.97
N PRO A 135 -37.62 3.20 24.71
CA PRO A 135 -38.17 4.46 24.23
C PRO A 135 -39.68 4.56 24.38
N SER A 136 -40.15 5.81 24.48
CA SER A 136 -41.54 6.18 24.29
C SER A 136 -41.75 6.65 22.84
N VAL A 137 -42.79 6.14 22.20
CA VAL A 137 -43.06 6.38 20.78
C VAL A 137 -44.38 7.13 20.67
N PHE A 138 -44.34 8.39 20.21
CA PHE A 138 -45.58 9.13 20.08
C PHE A 138 -45.85 9.42 18.60
N PRO A 139 -47.11 9.46 18.18
CA PRO A 139 -47.40 9.80 16.79
C PRO A 139 -47.15 11.27 16.49
N LEU A 140 -46.63 11.53 15.29
CA LEU A 140 -46.61 12.87 14.72
C LEU A 140 -47.69 12.85 13.66
N ALA A 141 -48.92 13.21 14.08
CA ALA A 141 -50.11 12.96 13.29
C ALA A 141 -50.20 13.91 12.11
N PRO A 142 -50.57 13.42 10.93
CA PRO A 142 -51.05 14.32 9.88
C PRO A 142 -52.52 14.59 10.11
N SER A 143 -52.95 15.82 10.30
CA SER A 143 -54.39 16.05 10.46
C SER A 143 -54.94 16.83 9.26
N SER A 144 -56.19 17.28 9.37
CA SER A 144 -56.72 18.32 8.48
C SER A 144 -56.08 19.67 8.76
N LYS A 145 -55.43 19.84 9.93
CA LYS A 145 -54.53 20.97 10.18
C LYS A 145 -53.13 20.73 9.60
N SER A 146 -52.83 19.51 9.15
CA SER A 146 -51.62 19.21 8.39
C SER A 146 -51.87 19.22 6.88
N THR A 147 -53.00 19.81 6.43
CA THR A 147 -53.36 19.80 5.03
C THR A 147 -52.47 20.77 4.25
N SER A 148 -51.52 20.20 3.49
CA SER A 148 -50.46 20.92 2.80
C SER A 148 -50.51 20.61 1.29
N GLY A 149 -51.73 20.57 0.75
CA GLY A 149 -51.93 20.26 -0.67
C GLY A 149 -52.16 18.77 -0.90
N GLY A 150 -51.38 18.18 -1.81
CA GLY A 150 -51.38 16.76 -2.11
C GLY A 150 -50.21 15.99 -1.52
N THR A 151 -49.48 16.59 -0.59
CA THR A 151 -48.33 15.95 0.04
C THR A 151 -48.41 16.20 1.54
N ALA A 152 -48.58 15.13 2.32
CA ALA A 152 -48.78 15.19 3.76
C ALA A 152 -47.58 14.60 4.47
N ALA A 153 -47.30 15.09 5.68
CA ALA A 153 -46.20 14.60 6.48
C ALA A 153 -46.72 13.99 7.77
N LEU A 154 -46.27 12.79 8.09
CA LEU A 154 -46.58 12.13 9.34
C LEU A 154 -45.30 11.47 9.84
N GLY A 155 -45.28 11.08 11.10
CA GLY A 155 -44.06 10.53 11.64
C GLY A 155 -44.22 9.95 13.02
N CYS A 156 -43.08 9.56 13.62
CA CYS A 156 -43.03 8.99 14.96
C CYS A 156 -41.94 9.71 15.74
N LEU A 157 -42.27 10.14 16.96
CA LEU A 157 -41.29 10.73 17.87
C LEU A 157 -40.78 9.64 18.81
N VAL A 158 -39.49 9.35 18.77
CA VAL A 158 -38.92 8.27 19.57
C VAL A 158 -38.11 8.93 20.68
N LYS A 159 -38.67 8.91 21.89
CA LYS A 159 -38.26 9.80 22.95
C LYS A 159 -37.78 9.04 24.18
N ASP A 160 -36.73 9.59 24.82
CA ASP A 160 -36.23 9.17 26.14
C ASP A 160 -35.77 7.70 26.15
N TYR A 161 -34.69 7.43 25.41
CA TYR A 161 -34.14 6.10 25.41
C TYR A 161 -32.63 6.18 25.58
N PHE A 162 -32.04 5.04 25.97
CA PHE A 162 -30.63 4.90 26.22
C PHE A 162 -30.27 3.43 26.27
N PRO A 163 -29.11 3.01 25.73
CA PRO A 163 -28.14 3.78 24.93
C PRO A 163 -28.53 3.73 23.49
N GLU A 164 -27.75 4.30 22.57
CA GLU A 164 -28.05 4.11 21.16
C GLU A 164 -27.84 2.64 20.78
N PRO A 165 -28.46 2.18 19.68
CA PRO A 165 -29.34 2.87 18.72
C PRO A 165 -30.79 2.41 18.74
N VAL A 166 -31.65 3.14 18.04
CA VAL A 166 -32.94 2.59 17.61
C VAL A 166 -32.91 2.55 16.11
N THR A 167 -33.67 1.63 15.53
CA THR A 167 -33.94 1.68 14.11
C THR A 167 -35.42 1.89 13.92
N VAL A 168 -35.78 2.68 12.91
CA VAL A 168 -37.18 2.91 12.56
C VAL A 168 -37.39 2.40 11.14
N SER A 169 -38.42 1.60 10.96
CA SER A 169 -38.85 1.26 9.63
C SER A 169 -40.31 1.64 9.51
N TRP A 170 -40.83 1.66 8.29
CA TRP A 170 -42.21 2.03 8.08
C TRP A 170 -42.91 0.92 7.34
N ASN A 171 -44.01 0.44 7.93
CA ASN A 171 -44.78 -0.65 7.36
C ASN A 171 -43.89 -1.87 7.09
N SER A 172 -43.10 -2.24 8.11
CA SER A 172 -42.25 -3.43 8.08
C SER A 172 -41.27 -3.39 6.90
N GLY A 173 -40.77 -2.20 6.57
CA GLY A 173 -39.82 -2.00 5.50
C GLY A 173 -40.43 -1.82 4.12
N ALA A 174 -41.76 -1.96 3.98
CA ALA A 174 -42.37 -1.80 2.68
C ALA A 174 -42.39 -0.34 2.24
N LEU A 175 -42.53 0.58 3.18
CA LEU A 175 -42.54 2.00 2.87
C LEU A 175 -41.15 2.54 3.16
N THR A 176 -40.46 2.97 2.10
CA THR A 176 -39.08 3.40 2.15
C THR A 176 -38.92 4.77 1.48
N SER A 177 -39.71 5.05 0.45
CA SER A 177 -39.58 6.30 -0.29
C SER A 177 -40.13 7.48 0.52
N GLY A 178 -39.40 8.59 0.52
CA GLY A 178 -39.78 9.75 1.27
C GLY A 178 -39.50 9.70 2.76
N VAL A 179 -38.95 8.60 3.27
CA VAL A 179 -38.69 8.46 4.70
C VAL A 179 -37.41 9.22 5.06
N HIS A 180 -37.45 9.94 6.19
CA HIS A 180 -36.26 10.53 6.79
C HIS A 180 -36.24 10.15 8.25
N THR A 181 -35.13 9.58 8.72
CA THR A 181 -35.00 9.25 10.14
C THR A 181 -33.84 10.04 10.71
N PHE A 182 -34.15 10.95 11.62
CA PHE A 182 -33.18 11.95 12.04
C PHE A 182 -32.18 11.32 12.98
N PRO A 183 -30.94 11.81 13.00
CA PRO A 183 -30.01 11.37 14.03
C PRO A 183 -30.53 11.79 15.39
N ALA A 184 -30.30 10.92 16.37
CA ALA A 184 -30.73 11.21 17.73
C ALA A 184 -30.00 12.43 18.25
N VAL A 185 -30.63 13.11 19.20
CA VAL A 185 -29.96 14.18 19.94
C VAL A 185 -29.88 13.75 21.39
N LEU A 186 -28.82 14.16 22.07
CA LEU A 186 -28.68 13.92 23.49
C LEU A 186 -29.39 15.03 24.25
N GLN A 187 -30.41 14.68 25.05
CA GLN A 187 -31.14 15.72 25.78
C GLN A 187 -30.48 15.99 27.12
N SER A 188 -30.90 17.09 27.76
CA SER A 188 -30.33 17.41 29.07
C SER A 188 -30.62 16.30 30.08
N SER A 189 -31.68 15.51 29.87
CA SER A 189 -32.01 14.45 30.82
C SER A 189 -30.99 13.31 30.78
N GLY A 190 -30.05 13.32 29.84
CA GLY A 190 -29.11 12.24 29.66
C GLY A 190 -29.59 11.16 28.72
N LEU A 191 -30.87 11.17 28.35
CA LEU A 191 -31.47 10.23 27.43
C LEU A 191 -31.53 10.80 26.00
N TYR A 192 -31.62 9.90 25.03
CA TYR A 192 -31.71 10.24 23.61
C TYR A 192 -33.15 10.35 23.14
N SER A 193 -33.34 11.22 22.15
CA SER A 193 -34.59 11.33 21.42
C SER A 193 -34.30 11.52 19.94
N LEU A 194 -35.20 11.00 19.09
CA LEU A 194 -35.17 11.24 17.65
C LEU A 194 -36.58 11.20 17.10
N SER A 195 -36.76 11.71 15.89
CA SER A 195 -37.98 11.51 15.13
C SER A 195 -37.67 10.82 13.81
N SER A 196 -38.65 10.05 13.35
CA SER A 196 -38.70 9.59 11.98
C SER A 196 -39.98 10.13 11.35
N VAL A 197 -39.84 10.71 10.16
CA VAL A 197 -40.94 11.29 9.39
C VAL A 197 -40.92 10.66 8.00
N VAL A 198 -42.09 10.64 7.36
CA VAL A 198 -42.22 10.22 5.97
C VAL A 198 -43.23 11.16 5.32
N THR A 199 -42.98 11.52 4.06
CA THR A 199 -43.98 12.28 3.33
C THR A 199 -44.78 11.34 2.44
N VAL A 200 -46.06 11.63 2.28
CA VAL A 200 -46.97 10.67 1.65
C VAL A 200 -48.11 11.40 0.95
N PRO A 201 -48.72 10.84 -0.10
CA PRO A 201 -49.81 11.56 -0.77
C PRO A 201 -50.99 11.77 0.17
N SER A 202 -51.58 12.96 0.11
CA SER A 202 -52.67 13.29 1.02
C SER A 202 -53.94 12.49 0.73
N SER A 203 -54.14 12.07 -0.52
CA SER A 203 -55.34 11.31 -0.85
C SER A 203 -55.30 9.89 -0.30
N SER A 204 -54.20 9.49 0.32
CA SER A 204 -54.04 8.16 0.86
C SER A 204 -54.25 8.11 2.37
N LEU A 205 -54.68 9.21 2.98
CA LEU A 205 -54.63 9.33 4.43
C LEU A 205 -55.69 8.47 5.10
N GLY A 206 -56.96 8.68 4.75
CA GLY A 206 -58.00 7.90 5.40
C GLY A 206 -58.07 6.47 4.94
N THR A 207 -57.23 6.08 3.99
CA THR A 207 -57.37 4.80 3.31
C THR A 207 -56.16 3.90 3.44
N GLN A 208 -54.95 4.45 3.45
CA GLN A 208 -53.74 3.66 3.61
C GLN A 208 -53.23 3.74 5.05
N THR A 209 -52.76 2.60 5.56
CA THR A 209 -52.32 2.47 6.95
C THR A 209 -50.81 2.70 7.05
N TYR A 210 -50.40 3.53 8.01
CA TYR A 210 -49.00 3.85 8.21
C TYR A 210 -48.63 3.47 9.63
N ILE A 211 -47.64 2.56 9.77
CA ILE A 211 -47.15 2.11 11.06
C ILE A 211 -45.63 2.22 11.08
N CYS A 212 -45.10 2.92 12.07
CA CYS A 212 -43.67 2.96 12.33
C CYS A 212 -43.28 1.81 13.27
N ASN A 213 -42.19 1.14 12.93
CA ASN A 213 -41.65 0.01 13.68
C ASN A 213 -40.35 0.45 14.32
N VAL A 214 -40.39 0.82 15.59
CA VAL A 214 -39.22 1.27 16.30
C VAL A 214 -38.64 0.05 16.99
N ASN A 215 -37.36 -0.23 16.73
CA ASN A 215 -36.66 -1.31 17.42
C ASN A 215 -35.60 -0.69 18.30
N HIS A 216 -35.47 -1.17 19.53
CA HIS A 216 -34.41 -0.74 20.44
C HIS A 216 -33.79 -2.01 21.00
N LYS A 217 -32.86 -2.61 20.26
CA LYS A 217 -32.25 -3.85 20.72
C LYS A 217 -31.55 -3.69 22.05
N PRO A 218 -30.84 -2.60 22.36
CA PRO A 218 -30.17 -2.53 23.67
C PRO A 218 -31.10 -2.77 24.86
N SER A 219 -32.39 -2.46 24.75
CA SER A 219 -33.36 -2.80 25.79
C SER A 219 -34.30 -3.93 25.40
N ASN A 220 -34.06 -4.61 24.27
CA ASN A 220 -34.92 -5.70 23.80
C ASN A 220 -36.39 -5.29 23.77
N THR A 221 -36.66 -4.14 23.15
CA THR A 221 -37.99 -3.54 23.05
C THR A 221 -38.26 -3.17 21.60
N LYS A 222 -39.43 -3.56 21.10
CA LYS A 222 -39.90 -3.15 19.78
C LYS A 222 -41.23 -2.44 19.97
N VAL A 223 -41.47 -1.35 19.24
CA VAL A 223 -42.74 -0.66 19.36
C VAL A 223 -43.27 -0.39 17.96
N ASP A 224 -44.50 -0.85 17.71
CA ASP A 224 -45.22 -0.64 16.45
C ASP A 224 -46.37 0.31 16.77
N LYS A 225 -46.37 1.49 16.13
CA LYS A 225 -47.40 2.49 16.37
C LYS A 225 -48.05 2.91 15.04
N LYS A 226 -49.35 2.76 14.96
CA LYS A 226 -50.09 3.24 13.80
C LYS A 226 -50.28 4.74 13.93
N VAL A 227 -49.85 5.49 12.91
CA VAL A 227 -49.99 6.94 12.90
C VAL A 227 -51.28 7.30 12.18
N GLU A 228 -52.18 7.97 12.88
CA GLU A 228 -53.52 8.21 12.40
C GLU A 228 -53.79 9.71 12.31
N PRO A 229 -54.47 10.15 11.28
CA PRO A 229 -55.03 11.51 11.28
C PRO A 229 -55.86 11.75 12.53
N LYS A 230 -55.65 12.90 13.16
CA LYS A 230 -56.39 13.23 14.37
C LYS A 230 -57.62 14.09 14.03
N ILE B 2 4.32 6.91 12.84
CA ILE B 2 4.30 8.25 12.25
C ILE B 2 2.88 8.85 12.22
N GLN B 3 2.80 10.14 11.92
CA GLN B 3 1.55 10.88 11.84
C GLN B 3 1.19 11.14 10.37
N MET B 4 -0.09 11.40 10.12
CA MET B 4 -0.58 11.52 8.75
C MET B 4 -1.63 12.63 8.71
N THR B 5 -1.29 13.75 8.06
CA THR B 5 -2.11 14.96 8.06
C THR B 5 -2.89 15.10 6.76
N GLN B 6 -4.21 15.27 6.89
CA GLN B 6 -5.10 15.42 5.75
C GLN B 6 -5.50 16.88 5.57
N SER B 7 -5.58 17.31 4.31
CA SER B 7 -5.94 18.67 3.98
C SER B 7 -6.82 18.61 2.73
N PRO B 8 -7.94 19.34 2.70
CA PRO B 8 -8.42 20.17 3.81
C PRO B 8 -9.28 19.38 4.78
N SER B 9 -9.69 19.97 5.91
CA SER B 9 -10.50 19.24 6.90
C SER B 9 -11.87 18.89 6.33
N SER B 10 -12.46 19.81 5.56
CA SER B 10 -13.69 19.52 4.84
C SER B 10 -13.83 20.52 3.70
N LEU B 11 -14.63 20.15 2.71
CA LEU B 11 -14.80 21.02 1.55
C LEU B 11 -16.17 20.84 0.92
N SER B 12 -16.55 21.86 0.15
CA SER B 12 -17.79 21.91 -0.61
C SER B 12 -17.49 22.04 -2.10
N ALA B 13 -18.16 21.24 -2.93
CA ALA B 13 -17.96 21.35 -4.37
C ALA B 13 -19.24 21.04 -5.14
N SER B 14 -19.33 21.56 -6.37
CA SER B 14 -20.48 21.36 -7.24
C SER B 14 -20.33 20.04 -8.01
N VAL B 15 -21.46 19.52 -8.49
CA VAL B 15 -21.42 18.32 -9.32
C VAL B 15 -20.54 18.54 -10.54
N GLY B 16 -19.68 17.56 -10.82
CA GLY B 16 -18.79 17.67 -11.96
C GLY B 16 -17.56 18.52 -11.72
N ASP B 17 -17.34 18.98 -10.50
CA ASP B 17 -16.09 19.63 -10.10
C ASP B 17 -15.00 18.62 -9.87
N ARG B 18 -13.78 19.05 -10.11
CA ARG B 18 -12.60 18.30 -9.76
C ARG B 18 -12.27 18.60 -8.29
N VAL B 19 -12.15 17.56 -7.48
CA VAL B 19 -11.87 17.69 -6.05
C VAL B 19 -10.55 16.99 -5.75
N THR B 20 -9.69 17.64 -4.97
CA THR B 20 -8.39 17.09 -4.63
C THR B 20 -8.16 17.14 -3.13
N ILE B 21 -7.85 15.97 -2.55
CA ILE B 21 -7.61 15.80 -1.12
C ILE B 21 -6.17 15.33 -0.95
N THR B 22 -5.45 15.93 -0.02
CA THR B 22 -4.02 15.68 0.13
C THR B 22 -3.70 15.10 1.51
N CYS B 23 -2.82 14.12 1.54
CA CYS B 23 -2.37 13.49 2.77
C CYS B 23 -0.86 13.64 2.85
N ARG B 24 -0.38 14.20 3.95
CA ARG B 24 1.06 14.44 4.10
C ARG B 24 1.62 13.60 5.23
N ALA B 25 2.69 12.87 4.90
CA ALA B 25 3.30 11.95 5.85
C ALA B 25 4.35 12.67 6.68
N SER B 26 4.21 12.56 8.02
CA SER B 26 5.07 13.26 8.96
C SER B 26 6.55 12.97 8.70
N GLN B 27 6.90 11.70 8.59
CA GLN B 27 8.24 11.25 8.25
C GLN B 27 8.16 10.47 6.95
N SER B 28 9.29 9.85 6.58
CA SER B 28 9.33 8.99 5.40
C SER B 28 8.76 7.63 5.79
N VAL B 29 7.58 7.30 5.26
CA VAL B 29 6.93 6.01 5.48
C VAL B 29 6.99 5.21 4.18
N SER B 30 6.41 4.00 4.20
CA SER B 30 6.20 3.27 2.96
C SER B 30 5.18 4.01 2.11
N SER B 31 5.39 4.02 0.79
CA SER B 31 4.48 4.78 -0.07
C SER B 31 3.17 4.05 -0.36
N ALA B 32 2.78 3.08 0.45
CA ALA B 32 1.57 2.35 0.18
C ALA B 32 0.41 2.98 0.95
N VAL B 33 0.13 4.24 0.63
CA VAL B 33 -1.01 4.93 1.23
C VAL B 33 -2.31 4.38 0.65
N ALA B 34 -3.29 4.11 1.51
CA ALA B 34 -4.62 3.75 1.05
C ALA B 34 -5.62 4.88 1.33
N TRP B 35 -6.64 4.96 0.48
CA TRP B 35 -7.73 5.94 0.55
C TRP B 35 -9.05 5.22 0.76
N TYR B 36 -9.89 5.74 1.65
CA TYR B 36 -11.18 5.14 1.94
C TYR B 36 -12.28 6.20 1.90
N GLN B 37 -13.48 5.76 1.54
CA GLN B 37 -14.69 6.58 1.53
C GLN B 37 -15.66 6.00 2.56
N GLN B 38 -16.17 6.85 3.45
CA GLN B 38 -17.05 6.38 4.49
C GLN B 38 -18.33 7.21 4.45
N LYS B 39 -19.45 6.55 4.19
CA LYS B 39 -20.75 7.18 4.35
C LYS B 39 -21.15 7.17 5.82
N PRO B 40 -21.78 8.24 6.31
CA PRO B 40 -22.14 8.32 7.73
C PRO B 40 -22.86 7.07 8.18
N GLY B 41 -22.36 6.45 9.23
CA GLY B 41 -22.98 5.26 9.80
C GLY B 41 -22.61 3.94 9.13
N LYS B 42 -21.82 3.96 8.07
CA LYS B 42 -21.50 2.73 7.36
C LYS B 42 -20.00 2.45 7.46
N ALA B 43 -19.63 1.22 7.17
CA ALA B 43 -18.22 0.90 7.15
C ALA B 43 -17.50 1.67 6.05
N PRO B 44 -16.21 1.92 6.23
CA PRO B 44 -15.40 2.49 5.16
C PRO B 44 -15.33 1.54 3.97
N LYS B 45 -15.14 2.12 2.79
CA LYS B 45 -15.00 1.37 1.56
C LYS B 45 -13.67 1.75 0.93
N LEU B 46 -12.92 0.74 0.49
CA LEU B 46 -11.61 0.98 -0.08
C LEU B 46 -11.74 1.60 -1.46
N LEU B 47 -10.97 2.65 -1.72
CA LEU B 47 -10.95 3.31 -3.01
C LEU B 47 -9.64 3.05 -3.75
N ILE B 48 -8.52 3.34 -3.10
CA ILE B 48 -7.20 3.28 -3.69
C ILE B 48 -6.31 2.51 -2.73
N TYR B 49 -5.50 1.60 -3.26
CA TYR B 49 -4.49 0.94 -2.45
C TYR B 49 -3.12 1.08 -3.15
N SER B 50 -2.07 0.99 -2.34
CA SER B 50 -0.69 1.15 -2.83
C SER B 50 -0.50 2.47 -3.57
N ALA B 51 -1.25 3.47 -3.10
CA ALA B 51 -1.19 4.91 -3.41
C ALA B 51 -1.78 5.31 -4.76
N SER B 52 -1.86 4.38 -5.68
CA SER B 52 -2.38 4.71 -7.01
C SER B 52 -3.25 3.63 -7.62
N SER B 53 -3.31 2.44 -7.05
CA SER B 53 -4.06 1.37 -7.67
C SER B 53 -5.55 1.56 -7.42
N LEU B 54 -6.32 1.53 -8.49
CA LEU B 54 -7.76 1.63 -8.37
C LEU B 54 -8.27 0.28 -7.88
N TYR B 55 -9.00 0.27 -6.76
CA TYR B 55 -9.56 -0.98 -6.27
C TYR B 55 -10.71 -1.42 -7.16
N SER B 56 -10.78 -2.73 -7.40
CA SER B 56 -11.84 -3.33 -8.19
C SER B 56 -13.20 -2.77 -7.82
N GLY B 57 -13.96 -2.39 -8.85
CA GLY B 57 -15.32 -1.93 -8.67
C GLY B 57 -15.49 -0.44 -8.52
N VAL B 58 -14.44 0.27 -8.12
CA VAL B 58 -14.53 1.71 -7.83
C VAL B 58 -14.57 2.48 -9.13
N PRO B 59 -15.47 3.46 -9.26
CA PRO B 59 -15.60 4.18 -10.52
C PRO B 59 -14.32 4.92 -10.87
N SER B 60 -14.04 5.04 -12.17
CA SER B 60 -12.73 5.53 -12.57
C SER B 60 -12.53 7.00 -12.26
N ARG B 61 -13.55 7.69 -11.75
CA ARG B 61 -13.39 9.10 -11.43
C ARG B 61 -12.47 9.31 -10.23
N PHE B 62 -12.22 8.26 -9.44
CA PHE B 62 -11.28 8.31 -8.32
C PHE B 62 -9.90 7.89 -8.78
N SER B 63 -8.87 8.55 -8.26
CA SER B 63 -7.49 8.25 -8.62
C SER B 63 -6.57 8.67 -7.48
N GLY B 64 -5.41 8.02 -7.41
CA GLY B 64 -4.44 8.27 -6.34
C GLY B 64 -3.09 8.61 -6.93
N SER B 65 -2.37 9.51 -6.27
CA SER B 65 -1.11 10.00 -6.81
C SER B 65 -0.14 10.28 -5.67
N ARG B 66 1.16 10.17 -5.96
CA ARG B 66 2.22 10.45 -5.00
C ARG B 66 3.18 11.44 -5.64
N SER B 67 3.63 12.43 -4.87
CA SER B 67 4.55 13.49 -5.33
C SER B 67 5.63 13.76 -4.30
N GLY B 68 6.27 12.71 -3.80
CA GLY B 68 7.20 12.83 -2.69
C GLY B 68 6.57 12.45 -1.36
N THR B 69 6.50 13.41 -0.44
CA THR B 69 5.85 13.19 0.85
C THR B 69 4.34 13.41 0.76
N ASP B 70 3.84 13.75 -0.42
CA ASP B 70 2.48 14.25 -0.65
C ASP B 70 1.67 13.23 -1.41
N PHE B 71 0.63 12.70 -0.77
CA PHE B 71 -0.32 11.77 -1.37
C PHE B 71 -1.63 12.49 -1.62
N THR B 72 -2.19 12.33 -2.83
CA THR B 72 -3.41 13.01 -3.22
C THR B 72 -4.44 12.01 -3.73
N LEU B 73 -5.68 12.19 -3.30
CA LEU B 73 -6.85 11.53 -3.88
C LEU B 73 -7.53 12.53 -4.81
N THR B 74 -7.98 12.06 -5.97
CA THR B 74 -8.61 12.93 -6.95
C THR B 74 -9.98 12.38 -7.36
N ILE B 75 -10.98 13.26 -7.37
CA ILE B 75 -12.29 12.94 -7.92
C ILE B 75 -12.48 13.83 -9.15
N SER B 76 -12.36 13.24 -10.34
CA SER B 76 -12.42 14.07 -11.55
C SER B 76 -13.80 14.71 -11.72
N SER B 77 -14.87 13.98 -11.44
CA SER B 77 -16.23 14.42 -11.76
C SER B 77 -17.12 14.09 -10.55
N LEU B 78 -17.21 15.04 -9.62
CA LEU B 78 -17.91 14.81 -8.36
C LEU B 78 -19.38 14.56 -8.62
N GLN B 79 -19.85 13.41 -8.17
CA GLN B 79 -21.24 13.01 -8.31
C GLN B 79 -21.99 13.24 -7.01
N PRO B 80 -23.30 13.41 -7.07
CA PRO B 80 -24.08 13.53 -5.82
C PRO B 80 -23.80 12.40 -4.83
N GLU B 81 -23.66 11.16 -5.32
CA GLU B 81 -23.36 10.02 -4.46
C GLU B 81 -21.96 10.07 -3.87
N ASP B 82 -21.13 11.04 -4.25
CA ASP B 82 -19.78 11.08 -3.70
C ASP B 82 -19.69 11.78 -2.36
N PHE B 83 -20.77 12.33 -1.85
CA PHE B 83 -20.76 12.90 -0.51
C PHE B 83 -20.43 11.82 0.51
N ALA B 84 -19.41 12.07 1.32
CA ALA B 84 -18.92 11.11 2.30
C ALA B 84 -17.82 11.77 3.11
N THR B 85 -17.15 11.00 3.96
CA THR B 85 -15.87 11.40 4.54
C THR B 85 -14.78 10.48 3.98
N TYR B 86 -13.66 11.07 3.58
CA TYR B 86 -12.57 10.36 2.95
C TYR B 86 -11.37 10.31 3.89
N TYR B 87 -10.70 9.17 3.93
CA TYR B 87 -9.56 8.95 4.82
C TYR B 87 -8.39 8.38 4.03
N CYS B 88 -7.23 9.03 4.11
CA CYS B 88 -6.01 8.34 3.73
C CYS B 88 -5.57 7.42 4.87
N GLN B 89 -4.78 6.39 4.53
CA GLN B 89 -4.29 5.52 5.57
C GLN B 89 -2.89 5.03 5.24
N GLN B 90 -2.06 5.03 6.27
CA GLN B 90 -0.76 4.40 6.21
C GLN B 90 -0.97 2.93 5.89
N GLY B 91 -0.36 2.45 4.82
CA GLY B 91 -0.58 1.07 4.47
C GLY B 91 0.48 0.17 5.05
N SER B 92 1.07 0.59 6.17
CA SER B 92 2.19 -0.12 6.77
C SER B 92 2.04 -0.10 8.28
N ALA B 93 3.06 -0.61 8.96
CA ALA B 93 3.06 -1.19 10.30
C ALA B 93 2.07 -0.57 11.27
N PRO B 94 2.11 0.74 11.59
CA PRO B 94 1.09 1.25 12.53
C PRO B 94 -0.30 1.46 11.89
N PHE B 95 -0.43 1.31 10.57
CA PHE B 95 -1.72 1.41 9.87
C PHE B 95 -2.49 2.66 10.25
N THR B 96 -1.78 3.71 10.68
CA THR B 96 -2.44 4.89 11.22
C THR B 96 -3.34 5.53 10.16
N PHE B 97 -4.43 6.13 10.62
CA PHE B 97 -5.39 6.76 9.72
C PHE B 97 -5.21 8.26 9.71
N GLY B 98 -5.55 8.86 8.57
CA GLY B 98 -5.58 10.30 8.48
C GLY B 98 -6.75 10.91 9.24
N GLN B 99 -6.66 12.23 9.46
CA GLN B 99 -7.69 12.98 10.18
C GLN B 99 -9.03 12.98 9.47
N GLY B 100 -9.05 12.71 8.17
CA GLY B 100 -10.28 12.62 7.39
C GLY B 100 -10.61 13.94 6.72
N THR B 101 -11.40 13.86 5.64
CA THR B 101 -11.92 15.05 4.95
C THR B 101 -13.40 14.82 4.61
N LYS B 102 -14.26 15.69 5.14
CA LYS B 102 -15.70 15.63 4.88
C LYS B 102 -16.00 16.35 3.57
N VAL B 103 -16.68 15.69 2.64
CA VAL B 103 -17.01 16.25 1.32
C VAL B 103 -18.53 16.38 1.19
N GLU B 104 -19.00 17.62 1.03
CA GLU B 104 -20.42 17.91 0.84
C GLU B 104 -20.66 18.46 -0.57
N ILE B 105 -21.83 18.16 -1.12
CA ILE B 105 -22.10 18.44 -2.53
C ILE B 105 -22.81 19.81 -2.61
N LYS B 106 -22.23 20.76 -3.35
CA LYS B 106 -22.85 22.07 -3.53
C LYS B 106 -23.79 22.05 -4.72
N ARG B 107 -24.93 22.71 -4.57
CA ARG B 107 -26.01 22.67 -5.55
C ARG B 107 -26.84 23.94 -5.43
N THR B 108 -27.87 24.02 -6.27
CA THR B 108 -28.78 25.15 -6.28
C THR B 108 -29.56 25.24 -4.98
N VAL B 109 -30.11 26.42 -4.74
CA VAL B 109 -30.97 26.65 -3.59
C VAL B 109 -32.24 25.79 -3.72
N ALA B 110 -32.82 25.41 -2.60
CA ALA B 110 -34.11 24.73 -2.61
C ALA B 110 -34.84 25.05 -1.32
N ALA B 111 -36.05 25.60 -1.43
CA ALA B 111 -36.78 26.03 -0.25
C ALA B 111 -37.28 24.80 0.53
N PRO B 112 -37.26 24.85 1.86
CA PRO B 112 -37.87 23.76 2.65
C PRO B 112 -39.38 23.73 2.47
N SER B 113 -39.93 22.56 2.66
CA SER B 113 -41.35 22.40 2.96
C SER B 113 -41.46 22.30 4.48
N VAL B 114 -42.25 23.19 5.08
CA VAL B 114 -42.29 23.33 6.53
C VAL B 114 -43.59 22.69 7.04
N PHE B 115 -43.46 21.76 7.98
CA PHE B 115 -44.59 21.12 8.64
C PHE B 115 -44.44 21.26 10.15
N ILE B 116 -45.56 21.49 10.83
CA ILE B 116 -45.55 21.63 12.29
C ILE B 116 -46.43 20.54 12.89
N PHE B 117 -46.00 19.98 14.02
CA PHE B 117 -46.70 18.86 14.65
C PHE B 117 -47.00 19.15 16.12
N PRO B 118 -48.26 19.14 16.54
CA PRO B 118 -48.55 19.30 17.96
C PRO B 118 -48.19 18.05 18.72
N PRO B 119 -48.06 18.15 20.04
CA PRO B 119 -47.92 16.93 20.85
C PRO B 119 -49.13 16.04 20.73
N SER B 120 -48.89 14.75 20.88
CA SER B 120 -49.97 13.78 20.97
C SER B 120 -50.68 13.92 22.30
N ASP B 121 -51.98 13.64 22.29
CA ASP B 121 -52.73 13.62 23.56
C ASP B 121 -52.12 12.64 24.53
N GLU B 122 -51.48 11.58 23.99
CA GLU B 122 -50.80 10.58 24.79
C GLU B 122 -49.60 11.15 25.55
N GLN B 123 -48.67 11.80 24.85
CA GLN B 123 -47.50 12.36 25.53
C GLN B 123 -47.89 13.39 26.58
N LEU B 124 -48.88 14.22 26.26
CA LEU B 124 -49.33 15.25 27.18
C LEU B 124 -49.73 14.62 28.50
N LYS B 125 -50.33 13.42 28.43
CA LYS B 125 -50.76 12.70 29.62
C LYS B 125 -49.60 12.43 30.56
N SER B 126 -48.39 12.26 30.02
CA SER B 126 -47.18 12.04 30.80
C SER B 126 -46.62 13.31 31.41
N GLY B 127 -47.24 14.46 31.14
CA GLY B 127 -46.78 15.71 31.72
C GLY B 127 -45.73 16.46 30.94
N THR B 128 -45.48 16.10 29.69
CA THR B 128 -44.51 16.78 28.85
C THR B 128 -45.10 16.94 27.45
N ALA B 129 -44.72 18.01 26.77
CA ALA B 129 -45.22 18.29 25.43
C ALA B 129 -44.06 18.57 24.49
N SER B 130 -43.96 17.78 23.42
CA SER B 130 -42.98 18.01 22.37
C SER B 130 -43.71 18.53 21.16
N VAL B 131 -43.26 19.67 20.65
CA VAL B 131 -43.78 20.26 19.42
C VAL B 131 -42.67 20.15 18.40
N VAL B 132 -42.95 19.53 17.26
CA VAL B 132 -41.94 19.19 16.27
C VAL B 132 -42.13 20.06 15.04
N CYS B 133 -41.06 20.71 14.60
CA CYS B 133 -41.07 21.41 13.32
C CYS B 133 -40.21 20.64 12.33
N LEU B 134 -40.77 20.36 11.15
CA LEU B 134 -40.10 19.61 10.08
C LEU B 134 -39.75 20.53 8.92
N LEU B 135 -38.48 20.54 8.54
CA LEU B 135 -37.96 21.24 7.36
C LEU B 135 -37.53 20.15 6.39
N ASN B 136 -38.28 19.96 5.32
CA ASN B 136 -38.05 18.85 4.41
C ASN B 136 -37.38 19.31 3.12
N ASN B 137 -36.28 18.63 2.76
CA ASN B 137 -35.65 18.64 1.42
C ASN B 137 -35.26 20.05 0.94
N PHE B 138 -34.28 20.65 1.61
CA PHE B 138 -33.91 22.03 1.32
C PHE B 138 -32.39 22.15 1.12
N TYR B 139 -31.96 23.30 0.62
CA TYR B 139 -30.55 23.58 0.52
C TYR B 139 -30.38 25.09 0.53
N PRO B 140 -29.35 25.64 1.21
CA PRO B 140 -28.30 25.05 2.05
C PRO B 140 -28.78 24.63 3.43
N ARG B 141 -27.92 23.91 4.15
N ARG B 141 -27.92 23.92 4.16
CA ARG B 141 -28.26 23.46 5.51
CA ARG B 141 -28.26 23.46 5.51
C ARG B 141 -28.61 24.62 6.44
C ARG B 141 -28.62 24.62 6.43
N GLU B 142 -28.00 25.79 6.22
CA GLU B 142 -28.15 26.92 7.12
C GLU B 142 -29.56 27.48 7.02
N ALA B 143 -30.33 27.30 8.08
CA ALA B 143 -31.64 27.91 8.20
C ALA B 143 -31.80 28.35 9.65
N LYS B 144 -32.51 29.46 9.83
CA LYS B 144 -32.85 29.97 11.15
C LYS B 144 -34.26 29.51 11.47
N VAL B 145 -34.42 28.71 12.51
CA VAL B 145 -35.71 28.18 12.91
C VAL B 145 -36.02 28.66 14.33
N SER B 146 -36.97 29.58 14.45
CA SER B 146 -37.36 30.13 15.74
C SER B 146 -38.77 29.70 16.10
N TRP B 147 -38.98 29.38 17.38
CA TRP B 147 -40.31 29.04 17.90
C TRP B 147 -40.96 30.26 18.54
N TYR B 148 -42.27 30.40 18.34
CA TYR B 148 -43.06 31.44 19.00
C TYR B 148 -44.21 30.77 19.73
N VAL B 149 -44.55 31.32 20.89
CA VAL B 149 -45.65 30.84 21.71
C VAL B 149 -46.46 32.06 22.13
N ASP B 150 -47.68 32.18 21.60
CA ASP B 150 -48.46 33.41 21.72
C ASP B 150 -47.57 34.63 21.43
N ASN B 151 -46.86 34.57 20.30
CA ASN B 151 -45.98 35.63 19.82
C ASN B 151 -44.72 35.82 20.66
N ALA B 152 -44.38 34.91 21.55
CA ALA B 152 -43.23 35.08 22.41
C ALA B 152 -42.11 34.16 21.92
N LEU B 153 -41.02 34.76 21.47
CA LEU B 153 -39.90 34.02 20.92
C LEU B 153 -39.27 33.10 21.98
N GLN B 154 -39.15 31.82 21.65
CA GLN B 154 -38.61 30.83 22.58
C GLN B 154 -37.10 30.73 22.47
N SER B 155 -36.45 30.64 23.61
CA SER B 155 -35.01 30.49 23.69
C SER B 155 -34.71 29.35 24.65
N GLY B 156 -33.77 28.48 24.25
CA GLY B 156 -33.18 27.52 25.14
C GLY B 156 -33.99 26.28 25.41
N ASN B 157 -35.16 26.11 24.78
CA ASN B 157 -35.99 24.95 25.04
C ASN B 157 -36.29 24.21 23.75
N SER B 158 -35.38 24.31 22.78
CA SER B 158 -35.55 23.56 21.54
C SER B 158 -34.20 22.95 21.17
N GLN B 159 -34.27 21.88 20.38
CA GLN B 159 -33.10 21.18 19.85
C GLN B 159 -33.30 20.88 18.36
N GLU B 160 -32.19 20.88 17.64
CA GLU B 160 -32.24 20.70 16.20
C GLU B 160 -31.51 19.43 15.83
N SER B 161 -31.99 18.80 14.77
CA SER B 161 -31.36 17.62 14.19
C SER B 161 -31.49 17.70 12.68
N VAL B 162 -30.43 17.30 11.98
CA VAL B 162 -30.36 17.41 10.53
C VAL B 162 -29.91 16.09 9.95
N THR B 163 -30.58 15.67 8.87
CA THR B 163 -30.10 14.49 8.18
C THR B 163 -28.83 14.85 7.39
N GLU B 164 -28.15 13.82 6.89
CA GLU B 164 -27.11 13.98 5.88
C GLU B 164 -27.74 14.20 4.51
N GLN B 165 -26.91 14.54 3.52
CA GLN B 165 -27.38 14.86 2.18
C GLN B 165 -28.05 13.66 1.53
N ASP B 166 -29.13 13.94 0.80
CA ASP B 166 -29.77 12.95 -0.04
C ASP B 166 -28.88 12.63 -1.24
N SER B 167 -28.46 11.38 -1.35
CA SER B 167 -27.41 11.03 -2.30
C SER B 167 -27.85 11.13 -3.75
N LYS B 168 -29.11 11.52 -4.01
CA LYS B 168 -29.59 11.80 -5.35
C LYS B 168 -29.67 13.31 -5.62
N ASP B 169 -30.31 14.08 -4.74
CA ASP B 169 -30.50 15.50 -5.05
C ASP B 169 -29.75 16.43 -4.10
N SER B 170 -28.96 15.89 -3.19
CA SER B 170 -28.08 16.68 -2.31
C SER B 170 -28.85 17.61 -1.39
N THR B 171 -30.10 17.33 -1.08
CA THR B 171 -30.77 18.20 -0.12
C THR B 171 -30.55 17.68 1.30
N TYR B 172 -30.98 18.49 2.26
CA TYR B 172 -31.02 18.20 3.68
C TYR B 172 -32.47 18.16 4.15
N SER B 173 -32.67 17.60 5.33
CA SER B 173 -33.91 17.81 6.05
C SER B 173 -33.56 18.08 7.50
N LEU B 174 -34.41 18.84 8.17
CA LEU B 174 -34.08 19.30 9.51
C LEU B 174 -35.32 19.22 10.41
N SER B 175 -35.07 19.07 11.69
CA SER B 175 -36.13 19.08 12.67
C SER B 175 -35.75 19.98 13.83
N SER B 176 -36.74 20.69 14.36
CA SER B 176 -36.61 21.40 15.63
C SER B 176 -37.68 20.87 16.56
N THR B 177 -37.27 20.45 17.76
CA THR B 177 -38.19 19.93 18.74
C THR B 177 -38.21 20.89 19.92
N LEU B 178 -39.37 21.47 20.18
CA LEU B 178 -39.59 22.34 21.33
C LEU B 178 -40.21 21.48 22.41
N THR B 179 -39.63 21.47 23.60
CA THR B 179 -40.19 20.67 24.68
C THR B 179 -40.65 21.58 25.81
N LEU B 180 -41.89 21.37 26.24
CA LEU B 180 -42.54 22.15 27.27
C LEU B 180 -43.12 21.19 28.30
N SER B 181 -43.36 21.70 29.49
CA SER B 181 -44.18 20.97 30.45
C SER B 181 -45.64 20.95 30.02
N LYS B 182 -46.36 19.90 30.46
CA LYS B 182 -47.82 19.90 30.32
C LYS B 182 -48.43 21.22 30.79
N ALA B 183 -47.96 21.71 31.93
CA ALA B 183 -48.53 22.93 32.48
C ALA B 183 -48.32 24.12 31.54
N ASP B 184 -47.10 24.28 31.03
CA ASP B 184 -46.86 25.43 30.17
C ASP B 184 -47.60 25.29 28.84
N TYR B 185 -47.53 24.11 28.23
CA TYR B 185 -48.19 23.92 26.95
C TYR B 185 -49.68 24.24 27.03
N GLU B 186 -50.35 23.84 28.10
CA GLU B 186 -51.78 24.08 28.16
C GLU B 186 -52.14 25.51 28.54
N LYS B 187 -51.15 26.35 28.88
CA LYS B 187 -51.37 27.76 29.20
C LYS B 187 -51.32 28.70 28.00
N HIS B 188 -51.02 28.20 26.80
CA HIS B 188 -50.92 29.07 25.62
C HIS B 188 -51.73 28.45 24.48
N LYS B 189 -52.04 29.28 23.48
CA LYS B 189 -52.90 28.86 22.38
C LYS B 189 -52.16 28.60 21.08
N VAL B 190 -51.32 29.54 20.65
CA VAL B 190 -50.81 29.56 19.28
C VAL B 190 -49.34 29.13 19.31
N TYR B 191 -49.01 28.09 18.57
CA TYR B 191 -47.64 27.53 18.52
C TYR B 191 -47.13 27.63 17.10
N ALA B 192 -46.03 28.38 16.92
CA ALA B 192 -45.58 28.78 15.60
C ALA B 192 -44.10 28.48 15.39
N CYS B 193 -43.80 27.97 14.21
CA CYS B 193 -42.45 27.63 13.79
C CYS B 193 -42.10 28.54 12.62
N GLU B 194 -41.00 29.30 12.73
CA GLU B 194 -40.65 30.34 11.75
C GLU B 194 -39.31 30.00 11.13
N VAL B 195 -39.29 29.77 9.82
CA VAL B 195 -38.09 29.36 9.08
C VAL B 195 -37.66 30.54 8.23
N THR B 196 -36.50 31.09 8.53
CA THR B 196 -35.94 32.16 7.72
C THR B 196 -34.78 31.62 6.91
N GLN B 197 -34.82 31.84 5.60
CA GLN B 197 -33.67 31.57 4.77
C GLN B 197 -33.49 32.73 3.81
N GLY B 198 -32.27 33.26 3.73
CA GLY B 198 -32.07 34.42 2.89
C GLY B 198 -33.07 35.48 3.29
N THR B 199 -33.86 35.93 2.31
CA THR B 199 -34.78 37.03 2.45
C THR B 199 -36.24 36.59 2.62
N THR B 200 -36.48 35.35 3.04
CA THR B 200 -37.82 34.78 3.11
C THR B 200 -38.00 34.07 4.42
N SER B 201 -39.08 34.38 5.11
CA SER B 201 -39.51 33.63 6.30
C SER B 201 -40.86 33.00 6.03
N VAL B 202 -40.98 31.75 6.43
CA VAL B 202 -42.21 30.97 6.33
C VAL B 202 -42.55 30.50 7.73
N THR B 203 -43.80 30.73 8.15
CA THR B 203 -44.22 30.28 9.47
C THR B 203 -45.37 29.29 9.30
N LYS B 204 -45.30 28.18 10.04
CA LYS B 204 -46.43 27.27 10.18
C LYS B 204 -46.88 27.31 11.62
N SER B 205 -48.20 27.24 11.81
CA SER B 205 -48.75 27.40 13.15
C SER B 205 -49.92 26.44 13.35
N PHE B 206 -50.19 26.15 14.62
CA PHE B 206 -51.43 25.52 15.00
C PHE B 206 -51.99 26.25 16.23
N ASN B 207 -53.29 26.13 16.40
CA ASN B 207 -54.00 26.58 17.58
C ASN B 207 -54.35 25.38 18.43
N ARG B 208 -53.97 25.41 19.71
CA ARG B 208 -54.29 24.30 20.59
C ARG B 208 -55.80 24.06 20.66
N GLY B 209 -56.60 25.09 20.37
CA GLY B 209 -58.05 24.94 20.29
C GLY B 209 -58.61 24.82 18.88
N GLU B 210 -57.94 24.04 18.01
CA GLU B 210 -58.39 23.81 16.64
C GLU B 210 -58.05 22.37 16.24
N CYS B 211 -58.80 21.84 15.25
CA CYS B 211 -58.52 20.50 14.71
C CYS B 211 -57.98 20.57 13.28
N LYS C 5 36.82 -9.14 -16.14
CA LYS C 5 35.68 -8.72 -16.93
C LYS C 5 34.51 -9.66 -16.68
N GLU C 6 33.51 -9.17 -15.96
CA GLU C 6 32.32 -9.95 -15.65
C GLU C 6 31.22 -9.58 -16.66
N VAL C 7 30.78 -10.57 -17.42
CA VAL C 7 29.69 -10.41 -18.39
C VAL C 7 28.45 -10.99 -17.77
N VAL C 8 27.45 -10.15 -17.56
CA VAL C 8 26.26 -10.56 -16.82
C VAL C 8 25.28 -11.23 -17.78
N LEU C 9 24.73 -12.37 -17.36
CA LEU C 9 23.75 -13.12 -18.15
C LEU C 9 22.32 -12.95 -17.66
N LEU C 10 22.11 -12.61 -16.38
CA LEU C 10 20.78 -12.32 -15.87
C LEU C 10 20.91 -11.57 -14.56
N ASP C 11 20.18 -10.46 -14.42
CA ASP C 11 20.19 -9.64 -13.21
C ASP C 11 18.75 -9.41 -12.76
N PHE C 12 18.38 -9.95 -11.59
CA PHE C 12 17.01 -9.83 -11.13
C PHE C 12 16.66 -8.38 -10.78
N ALA C 13 17.45 -7.76 -9.91
CA ALA C 13 17.29 -6.34 -9.63
C ALA C 13 17.78 -5.56 -10.86
N ALA C 14 16.89 -5.44 -11.82
CA ALA C 14 17.10 -4.57 -12.99
C ALA C 14 15.78 -4.55 -13.74
N ALA C 15 15.72 -3.73 -14.77
CA ALA C 15 14.46 -3.54 -15.50
C ALA C 15 13.97 -4.87 -16.05
N GLY C 16 12.74 -5.24 -15.68
CA GLY C 16 12.14 -6.47 -16.15
C GLY C 16 12.88 -7.72 -15.74
N GLY C 17 13.68 -7.65 -14.66
CA GLY C 17 14.38 -8.83 -14.19
C GLY C 17 13.43 -9.91 -13.70
N GLU C 18 12.33 -9.51 -13.04
CA GLU C 18 11.33 -10.49 -12.61
C GLU C 18 10.79 -11.26 -13.80
N LEU C 19 10.71 -10.61 -14.96
CA LEU C 19 10.49 -11.21 -16.27
C LEU C 19 9.59 -12.44 -16.23
N GLY C 20 10.06 -13.52 -16.84
CA GLY C 20 9.39 -14.81 -16.79
C GLY C 20 9.90 -15.72 -15.69
N TRP C 21 9.57 -15.41 -14.43
CA TRP C 21 9.90 -16.31 -13.33
C TRP C 21 8.63 -17.02 -12.86
N LEU C 22 8.81 -18.21 -12.28
CA LEU C 22 7.76 -19.19 -12.03
C LEU C 22 7.83 -19.69 -10.58
N THR C 23 6.66 -19.99 -10.01
CA THR C 23 6.57 -20.54 -8.67
C THR C 23 5.83 -21.86 -8.69
N HIS C 24 6.32 -22.83 -7.92
CA HIS C 24 5.65 -24.11 -7.73
C HIS C 24 5.83 -24.45 -6.25
N PRO C 25 4.78 -24.90 -5.57
CA PRO C 25 3.43 -25.19 -6.05
C PRO C 25 2.65 -23.95 -6.45
N TYR C 26 1.70 -24.16 -7.36
CA TYR C 26 0.80 -23.09 -7.77
C TYR C 26 0.02 -22.57 -6.57
N GLY C 27 -0.09 -21.24 -6.48
CA GLY C 27 -0.75 -20.64 -5.34
C GLY C 27 0.23 -20.05 -4.35
N LYS C 28 0.35 -20.68 -3.18
CA LYS C 28 1.21 -20.16 -2.12
C LYS C 28 2.68 -20.54 -2.38
N GLY C 29 3.53 -20.38 -1.38
CA GLY C 29 4.93 -20.61 -1.61
C GLY C 29 5.61 -19.30 -1.94
N TRP C 30 6.59 -19.32 -2.86
CA TRP C 30 7.27 -18.11 -3.25
C TRP C 30 6.27 -17.08 -3.80
N ASP C 31 6.50 -15.80 -3.48
CA ASP C 31 5.63 -14.73 -3.95
C ASP C 31 6.42 -13.47 -4.28
N LEU C 32 5.98 -12.77 -5.34
CA LEU C 32 6.65 -11.57 -5.84
C LEU C 32 6.23 -10.38 -4.98
N MET C 33 7.19 -9.77 -4.28
CA MET C 33 6.94 -8.60 -3.47
C MET C 33 7.29 -7.34 -4.25
N GLN C 34 6.59 -6.25 -3.94
CA GLN C 34 6.83 -4.95 -4.53
C GLN C 34 7.14 -3.97 -3.42
N ASN C 35 8.12 -3.11 -3.65
CA ASN C 35 8.44 -2.00 -2.73
C ASN C 35 8.53 -0.71 -3.53
N ILE C 36 7.57 0.19 -3.28
CA ILE C 36 7.44 1.44 -4.02
C ILE C 36 7.89 2.63 -3.18
N MET C 37 8.82 2.41 -2.24
CA MET C 37 9.29 3.50 -1.38
C MET C 37 10.01 4.57 -2.19
N ASN C 38 10.94 4.17 -3.06
CA ASN C 38 11.58 5.08 -4.00
C ASN C 38 10.73 5.19 -5.27
N ASP C 39 10.82 6.34 -5.94
CA ASP C 39 10.12 6.54 -7.22
C ASP C 39 10.29 5.35 -8.16
N MET C 40 11.38 4.60 -7.97
CA MET C 40 11.56 3.34 -8.67
C MET C 40 10.76 2.22 -7.98
N PRO C 41 9.85 1.54 -8.68
CA PRO C 41 9.32 0.26 -8.19
C PRO C 41 10.40 -0.81 -8.16
N ILE C 42 10.67 -1.37 -6.94
CA ILE C 42 11.66 -2.41 -6.66
C ILE C 42 10.94 -3.72 -6.37
N TYR C 43 11.60 -4.84 -6.65
CA TYR C 43 10.95 -6.14 -6.51
C TYR C 43 11.85 -7.13 -5.77
N MET C 44 11.20 -8.12 -5.16
CA MET C 44 11.85 -9.24 -4.48
C MET C 44 10.89 -10.43 -4.45
N TYR C 45 11.43 -11.61 -4.13
CA TYR C 45 10.63 -12.81 -3.87
C TYR C 45 10.87 -13.25 -2.43
N SER C 46 9.80 -13.63 -1.73
CA SER C 46 9.93 -14.10 -0.35
C SER C 46 8.99 -15.25 -0.05
N VAL C 47 9.30 -15.95 1.03
CA VAL C 47 8.50 -17.07 1.55
C VAL C 47 8.76 -17.17 3.05
N CYS C 48 7.70 -17.36 3.82
CA CYS C 48 7.84 -17.44 5.27
C CYS C 48 6.85 -18.44 5.85
N ASN C 49 6.66 -19.57 5.19
CA ASN C 49 5.76 -20.62 5.74
C ASN C 49 6.53 -21.38 6.82
N VAL C 50 6.97 -20.69 7.87
CA VAL C 50 7.76 -21.28 8.95
C VAL C 50 6.92 -21.99 10.01
N MET C 51 5.61 -21.79 10.02
CA MET C 51 4.73 -22.43 11.00
C MET C 51 4.18 -23.77 10.53
N SER C 52 4.27 -24.08 9.22
CA SER C 52 3.48 -25.12 8.59
C SER C 52 4.19 -26.47 8.57
N GLY C 53 5.45 -26.49 8.12
CA GLY C 53 6.15 -27.74 7.94
C GLY C 53 5.74 -28.44 6.64
N ASP C 54 6.53 -29.45 6.27
CA ASP C 54 6.32 -30.17 5.02
C ASP C 54 6.32 -29.21 3.83
N GLN C 55 7.28 -28.28 3.86
CA GLN C 55 7.37 -27.20 2.87
C GLN C 55 8.42 -27.53 1.80
N ASP C 56 7.98 -27.55 0.53
CA ASP C 56 8.82 -27.79 -0.65
C ASP C 56 8.45 -26.76 -1.73
N ASN C 57 9.04 -25.57 -1.68
CA ASN C 57 8.60 -24.43 -2.48
C ASN C 57 9.67 -24.02 -3.48
N TRP C 58 9.27 -23.86 -4.74
CA TRP C 58 10.22 -23.67 -5.82
C TRP C 58 9.99 -22.35 -6.55
N LEU C 59 11.09 -21.67 -6.85
CA LEU C 59 11.08 -20.45 -7.66
C LEU C 59 12.11 -20.66 -8.76
N ARG C 60 11.64 -20.74 -9.99
CA ARG C 60 12.53 -20.95 -11.13
C ARG C 60 12.65 -19.64 -11.90
N THR C 61 13.88 -19.35 -12.34
CA THR C 61 14.12 -18.17 -13.15
C THR C 61 13.57 -18.38 -14.55
N ASN C 62 13.73 -17.37 -15.39
CA ASN C 62 13.53 -17.55 -16.82
C ASN C 62 14.68 -18.40 -17.40
N TRP C 63 14.49 -18.87 -18.63
CA TRP C 63 15.56 -19.57 -19.34
C TRP C 63 16.57 -18.57 -19.88
N VAL C 64 17.84 -18.73 -19.51
CA VAL C 64 18.89 -17.78 -19.84
C VAL C 64 19.86 -18.45 -20.82
N TYR C 65 20.08 -17.80 -21.96
CA TYR C 65 21.01 -18.26 -22.97
C TYR C 65 22.42 -18.13 -22.44
N ARG C 66 23.18 -19.23 -22.41
CA ARG C 66 24.52 -19.15 -21.87
C ARG C 66 25.51 -18.56 -22.87
N GLY C 67 25.19 -18.55 -24.15
CA GLY C 67 26.09 -17.98 -25.13
C GLY C 67 27.42 -18.69 -25.05
N GLU C 68 28.51 -17.90 -24.99
CA GLU C 68 29.89 -18.38 -24.95
C GLU C 68 30.36 -18.80 -23.56
N ALA C 69 29.51 -18.69 -22.55
CA ALA C 69 29.94 -18.96 -21.18
C ALA C 69 30.17 -20.44 -20.97
N GLU C 70 31.33 -20.77 -20.40
CA GLU C 70 31.63 -22.14 -19.97
C GLU C 70 31.33 -22.35 -18.49
N ARG C 71 31.76 -21.43 -17.64
CA ARG C 71 31.44 -21.45 -16.21
C ARG C 71 30.57 -20.25 -15.89
N ILE C 72 29.54 -20.45 -15.07
CA ILE C 72 28.70 -19.35 -14.60
C ILE C 72 28.82 -19.22 -13.10
N PHE C 73 28.89 -17.96 -12.64
CA PHE C 73 28.89 -17.61 -11.23
C PHE C 73 27.54 -17.00 -10.87
N ILE C 74 26.99 -17.37 -9.71
CA ILE C 74 25.67 -16.93 -9.29
C ILE C 74 25.81 -16.15 -7.98
N GLU C 75 25.43 -14.87 -8.02
CA GLU C 75 25.55 -13.95 -6.87
C GLU C 75 24.15 -13.69 -6.30
N LEU C 76 23.91 -14.19 -5.09
CA LEU C 76 22.61 -14.07 -4.43
C LEU C 76 22.69 -13.08 -3.28
N LYS C 77 21.62 -12.29 -3.09
CA LYS C 77 21.52 -11.29 -2.03
C LYS C 77 20.18 -11.46 -1.32
N PHE C 78 20.22 -11.87 -0.05
CA PHE C 78 19.02 -12.36 0.66
C PHE C 78 19.05 -11.96 2.12
N THR C 79 17.87 -11.98 2.75
CA THR C 79 17.70 -11.88 4.20
C THR C 79 16.95 -13.10 4.71
N VAL C 80 17.37 -13.60 5.88
CA VAL C 80 16.72 -14.69 6.59
C VAL C 80 16.28 -14.16 7.95
N ARG C 81 15.00 -14.33 8.26
CA ARG C 81 14.54 -13.95 9.58
C ARG C 81 14.84 -15.10 10.56
N ASP C 82 14.95 -14.73 11.83
CA ASP C 82 15.24 -15.71 12.88
C ASP C 82 14.07 -16.65 13.09
N CYS C 83 14.37 -17.93 13.32
CA CYS C 83 13.29 -18.90 13.55
C CYS C 83 12.60 -18.67 14.89
N ASN C 84 13.35 -18.32 15.93
CA ASN C 84 12.74 -18.08 17.23
C ASN C 84 12.25 -16.65 17.42
N SER C 85 12.45 -15.76 16.44
CA SER C 85 11.74 -14.48 16.40
C SER C 85 10.27 -14.65 16.05
N PHE C 86 9.83 -15.88 15.85
CA PHE C 86 8.45 -16.21 15.50
C PHE C 86 7.84 -16.99 16.65
N PRO C 87 6.83 -16.42 17.36
CA PRO C 87 6.32 -17.10 18.57
C PRO C 87 6.02 -18.57 18.35
N GLY C 88 6.80 -19.43 19.01
CA GLY C 88 6.59 -20.87 19.01
C GLY C 88 6.38 -21.54 17.66
N GLY C 89 7.33 -21.42 16.75
CA GLY C 89 7.17 -22.04 15.45
C GLY C 89 8.39 -22.81 14.97
N ALA C 90 9.46 -22.80 15.76
CA ALA C 90 10.72 -23.41 15.34
C ALA C 90 10.58 -24.90 15.08
N SER C 91 9.53 -25.55 15.61
CA SER C 91 9.36 -26.99 15.46
C SER C 91 9.35 -27.40 13.99
N SER C 92 8.86 -26.53 13.10
CA SER C 92 8.84 -26.78 11.67
C SER C 92 9.71 -25.80 10.88
N CYS C 93 10.37 -24.85 11.55
CA CYS C 93 11.04 -23.74 10.88
C CYS C 93 12.50 -24.08 10.57
N LYS C 94 12.98 -23.56 9.44
CA LYS C 94 14.34 -23.76 8.98
C LYS C 94 14.98 -22.41 8.71
N GLU C 95 16.30 -22.42 8.50
CA GLU C 95 17.05 -21.18 8.29
C GLU C 95 18.00 -21.27 7.09
N THR C 96 17.81 -22.24 6.20
CA THR C 96 18.58 -22.34 4.97
C THR C 96 17.62 -22.49 3.79
N PHE C 97 18.21 -22.41 2.59
CA PHE C 97 17.47 -22.74 1.39
C PHE C 97 18.46 -23.31 0.38
N ASN C 98 17.92 -23.95 -0.63
CA ASN C 98 18.69 -24.78 -1.54
C ASN C 98 18.70 -24.15 -2.92
N LEU C 99 19.87 -24.10 -3.55
CA LEU C 99 20.06 -23.50 -4.86
C LEU C 99 20.20 -24.60 -5.91
N TYR C 100 19.30 -24.64 -6.89
CA TYR C 100 19.30 -25.65 -7.94
C TYR C 100 19.52 -25.01 -9.31
N TYR C 101 20.02 -25.82 -10.25
CA TYR C 101 20.11 -25.41 -11.64
C TYR C 101 19.74 -26.57 -12.56
N ALA C 102 19.47 -26.23 -13.82
CA ALA C 102 19.15 -27.20 -14.85
C ALA C 102 19.66 -26.69 -16.19
N GLU C 103 20.36 -27.55 -16.92
CA GLU C 103 20.78 -27.21 -18.27
C GLU C 103 19.69 -27.66 -19.24
N SER C 104 19.49 -26.87 -20.28
CA SER C 104 18.40 -27.15 -21.21
C SER C 104 18.71 -26.52 -22.56
N ASP C 105 18.56 -27.29 -23.65
CA ASP C 105 18.79 -26.75 -24.99
C ASP C 105 17.58 -26.00 -25.55
N LEU C 106 16.42 -26.06 -24.87
CA LEU C 106 15.22 -25.35 -25.29
C LEU C 106 14.59 -24.66 -24.09
N ASP C 107 13.85 -23.58 -24.36
CA ASP C 107 13.00 -22.94 -23.34
C ASP C 107 11.73 -23.77 -23.20
N TYR C 108 11.56 -24.37 -22.04
CA TYR C 108 10.45 -25.29 -21.78
C TYR C 108 9.13 -24.55 -21.52
N GLY C 109 9.15 -23.22 -21.51
CA GLY C 109 7.94 -22.46 -21.32
C GLY C 109 7.52 -22.47 -19.86
N THR C 110 6.21 -22.59 -19.61
CA THR C 110 5.72 -22.65 -18.24
C THR C 110 5.87 -24.04 -17.65
N ASN C 111 6.71 -24.90 -18.23
CA ASN C 111 6.90 -26.26 -17.75
C ASN C 111 8.00 -26.28 -16.71
N PHE C 112 7.75 -27.02 -15.63
CA PHE C 112 8.70 -27.12 -14.55
C PHE C 112 8.57 -28.50 -13.96
N GLN C 113 9.70 -29.16 -13.76
CA GLN C 113 9.73 -30.48 -13.16
C GLN C 113 10.90 -30.51 -12.19
N LYS C 114 10.58 -30.59 -10.89
CA LYS C 114 11.60 -30.54 -9.86
C LYS C 114 12.74 -31.52 -10.15
N ARG C 115 12.39 -32.74 -10.57
CA ARG C 115 13.38 -33.81 -10.74
C ARG C 115 14.45 -33.47 -11.77
N LEU C 116 14.15 -32.58 -12.72
CA LEU C 116 15.12 -32.24 -13.75
C LEU C 116 16.24 -31.33 -13.25
N PHE C 117 16.15 -30.83 -12.03
CA PHE C 117 17.12 -29.88 -11.52
C PHE C 117 18.15 -30.57 -10.65
N THR C 118 19.30 -29.94 -10.53
CA THR C 118 20.45 -30.50 -9.83
C THR C 118 20.88 -29.55 -8.72
N LYS C 119 21.06 -30.10 -7.51
CA LYS C 119 21.39 -29.26 -6.37
C LYS C 119 22.81 -28.71 -6.51
N ILE C 120 22.93 -27.40 -6.49
CA ILE C 120 24.25 -26.79 -6.45
C ILE C 120 24.79 -26.76 -5.03
N ASP C 121 24.01 -26.26 -4.07
CA ASP C 121 24.49 -26.17 -2.70
C ASP C 121 23.35 -25.74 -1.78
N THR C 122 23.54 -25.98 -0.49
CA THR C 122 22.71 -25.33 0.50
C THR C 122 23.22 -23.91 0.64
N ILE C 123 22.32 -22.95 0.61
CA ILE C 123 22.66 -21.55 0.83
C ILE C 123 22.26 -21.22 2.26
N ALA C 124 23.20 -20.72 3.04
CA ALA C 124 22.94 -20.39 4.44
C ALA C 124 23.36 -18.97 4.72
N PRO C 125 22.73 -18.32 5.71
CA PRO C 125 23.01 -16.90 5.96
C PRO C 125 24.15 -16.64 6.93
N ASP C 126 24.98 -15.64 6.58
CA ASP C 126 26.03 -15.19 7.50
C ASP C 126 25.45 -14.39 8.67
N GLU C 127 24.49 -13.51 8.40
CA GLU C 127 23.85 -12.70 9.43
C GLU C 127 22.34 -12.90 9.40
N ILE C 128 21.76 -13.18 10.54
CA ILE C 128 20.34 -13.46 10.68
C ILE C 128 19.62 -12.16 11.01
N THR C 129 18.32 -12.09 10.70
CA THR C 129 17.54 -10.88 10.97
C THR C 129 16.65 -11.13 12.19
N VAL C 130 16.91 -10.39 13.27
CA VAL C 130 16.12 -10.47 14.49
C VAL C 130 15.39 -9.15 14.65
N SER C 131 14.06 -9.20 14.54
CA SER C 131 13.26 -8.00 14.74
C SER C 131 12.08 -8.36 15.64
N SER C 132 11.67 -7.41 16.46
CA SER C 132 10.51 -7.61 17.33
C SER C 132 9.21 -7.12 16.71
N ASP C 133 9.28 -6.43 15.56
CA ASP C 133 8.10 -5.96 14.85
C ASP C 133 7.75 -6.97 13.77
N PHE C 134 6.46 -7.24 13.59
CA PHE C 134 6.06 -8.25 12.63
C PHE C 134 6.64 -7.94 11.25
N GLU C 135 6.55 -6.67 10.84
CA GLU C 135 7.20 -6.20 9.62
C GLU C 135 8.55 -5.60 10.02
N ALA C 136 9.63 -6.29 9.61
CA ALA C 136 10.98 -5.96 10.03
C ALA C 136 11.45 -4.73 9.28
N ARG C 137 11.65 -3.61 10.01
CA ARG C 137 12.10 -2.37 9.39
C ARG C 137 13.55 -2.48 8.92
N HIS C 138 14.42 -3.03 9.75
CA HIS C 138 15.83 -3.10 9.48
C HIS C 138 16.21 -4.53 9.12
N VAL C 139 16.96 -4.69 8.04
CA VAL C 139 17.33 -6.02 7.55
C VAL C 139 18.84 -6.17 7.59
N LYS C 140 19.26 -7.43 7.70
CA LYS C 140 20.65 -7.85 7.60
C LYS C 140 20.79 -8.54 6.26
N LEU C 141 21.35 -7.82 5.26
CA LEU C 141 21.52 -8.35 3.91
C LEU C 141 22.72 -9.28 3.82
N ASN C 142 22.49 -10.48 3.28
CA ASN C 142 23.52 -11.48 3.07
C ASN C 142 23.89 -11.55 1.60
N VAL C 143 25.16 -11.83 1.31
CA VAL C 143 25.63 -12.01 -0.07
C VAL C 143 26.38 -13.34 -0.16
N GLU C 144 25.88 -14.25 -1.00
CA GLU C 144 26.57 -15.52 -1.24
C GLU C 144 26.75 -15.77 -2.72
N GLU C 145 27.85 -16.42 -3.09
CA GLU C 145 28.16 -16.69 -4.48
C GLU C 145 28.62 -18.12 -4.68
N ARG C 146 28.11 -18.76 -5.72
CA ARG C 146 28.47 -20.10 -6.12
C ARG C 146 28.80 -20.13 -7.61
N SER C 147 29.38 -21.25 -8.06
CA SER C 147 29.75 -21.43 -9.45
C SER C 147 29.37 -22.84 -9.92
N VAL C 148 28.96 -22.95 -11.19
CA VAL C 148 28.82 -24.26 -11.81
C VAL C 148 29.49 -24.25 -13.17
N GLY C 149 29.93 -25.42 -13.60
CA GLY C 149 30.56 -25.60 -14.89
C GLY C 149 31.18 -26.98 -15.01
N PRO C 150 31.49 -27.40 -16.24
CA PRO C 150 31.12 -26.68 -17.47
C PRO C 150 29.67 -26.89 -17.96
N LEU C 151 29.14 -25.80 -18.55
CA LEU C 151 27.85 -25.82 -19.20
C LEU C 151 27.99 -26.46 -20.57
N THR C 152 26.99 -27.23 -20.97
CA THR C 152 27.05 -27.92 -22.25
C THR C 152 25.89 -27.63 -23.19
N ARG C 153 24.85 -26.94 -22.73
CA ARG C 153 23.64 -26.82 -23.53
C ARG C 153 23.43 -25.35 -23.92
N LYS C 154 22.38 -25.10 -24.70
CA LYS C 154 22.16 -23.74 -25.19
C LYS C 154 21.88 -22.78 -24.04
N GLY C 155 21.15 -23.22 -23.02
CA GLY C 155 20.83 -22.33 -21.93
C GLY C 155 20.64 -23.07 -20.63
N PHE C 156 20.09 -22.40 -19.62
CA PHE C 156 19.92 -23.05 -18.33
C PHE C 156 18.85 -22.34 -17.51
N TYR C 157 18.35 -23.06 -16.52
CA TYR C 157 17.43 -22.53 -15.54
C TYR C 157 18.13 -22.48 -14.19
N LEU C 158 17.75 -21.50 -13.38
CA LEU C 158 18.08 -21.49 -11.96
C LEU C 158 16.77 -21.69 -11.21
N ALA C 159 16.82 -22.45 -10.13
CA ALA C 159 15.65 -22.57 -9.28
C ALA C 159 16.07 -22.53 -7.82
N PHE C 160 15.17 -22.01 -6.99
CA PHE C 160 15.41 -21.92 -5.56
C PHE C 160 14.35 -22.73 -4.84
N GLN C 161 14.79 -23.61 -3.92
CA GLN C 161 13.92 -24.44 -3.11
C GLN C 161 13.98 -23.97 -1.67
N ASP C 162 12.82 -23.68 -1.09
CA ASP C 162 12.65 -23.36 0.32
C ASP C 162 12.11 -24.59 1.05
N ILE C 163 12.73 -24.94 2.17
CA ILE C 163 12.30 -26.10 2.94
C ILE C 163 11.45 -25.69 4.15
N GLY C 164 11.10 -24.41 4.24
CA GLY C 164 10.35 -23.91 5.38
C GLY C 164 11.06 -22.80 6.14
N ALA C 165 11.93 -22.06 5.45
CA ALA C 165 12.59 -20.92 6.07
C ALA C 165 11.81 -19.64 5.80
N CYS C 166 12.29 -18.54 6.37
CA CYS C 166 11.71 -17.22 6.17
C CYS C 166 12.74 -16.39 5.41
N VAL C 167 12.66 -16.45 4.08
CA VAL C 167 13.70 -15.95 3.19
C VAL C 167 13.11 -14.87 2.31
N ALA C 168 13.93 -13.86 2.02
CA ALA C 168 13.65 -12.92 0.95
C ALA C 168 14.83 -12.85 0.01
N LEU C 169 14.58 -12.97 -1.29
CA LEU C 169 15.60 -12.87 -2.33
C LEU C 169 15.51 -11.50 -3.02
N LEU C 170 16.52 -10.66 -2.82
CA LEU C 170 16.49 -9.31 -3.35
C LEU C 170 17.20 -9.18 -4.70
N SER C 171 18.27 -9.96 -4.91
CA SER C 171 19.12 -9.82 -6.10
C SER C 171 19.66 -11.19 -6.49
N VAL C 172 19.50 -11.53 -7.76
CA VAL C 172 20.09 -12.73 -8.35
C VAL C 172 20.95 -12.27 -9.52
N ARG C 173 22.25 -12.27 -9.34
CA ARG C 173 23.18 -11.86 -10.38
C ARG C 173 23.97 -13.08 -10.83
N VAL C 174 23.85 -13.43 -12.11
CA VAL C 174 24.59 -14.55 -12.67
C VAL C 174 25.38 -14.07 -13.88
N TYR C 175 26.69 -14.37 -13.88
CA TYR C 175 27.63 -13.85 -14.86
C TYR C 175 28.67 -14.91 -15.21
N TYR C 176 29.52 -14.58 -16.19
CA TYR C 176 30.72 -15.36 -16.48
C TYR C 176 31.91 -14.42 -16.60
N LYS C 177 33.10 -14.98 -16.37
CA LYS C 177 34.33 -14.20 -16.31
C LYS C 177 35.06 -14.28 -17.65
N LYS C 178 35.82 -13.22 -17.96
CA LYS C 178 36.55 -13.14 -19.22
C LYS C 178 37.84 -12.36 -18.99
N CYS C 179 38.88 -12.71 -19.77
CA CYS C 179 40.12 -11.93 -19.77
C CYS C 179 39.96 -10.75 -20.71
N PRO C 180 40.23 -9.52 -20.25
CA PRO C 180 39.99 -8.34 -21.08
C PRO C 180 41.07 -8.18 -22.15
N GLU C 181 40.79 -7.25 -23.07
CA GLU C 181 41.77 -6.82 -24.05
C GLU C 181 43.01 -6.32 -23.33
N LEU C 182 44.18 -6.58 -23.92
CA LEU C 182 45.42 -6.23 -23.25
C LEU C 182 46.53 -5.93 -24.26
N LEU C 183 47.34 -4.95 -23.93
CA LEU C 183 48.55 -4.64 -24.66
C LEU C 183 49.70 -4.98 -23.73
N GLN C 184 50.49 -5.99 -24.10
CA GLN C 184 51.63 -6.44 -23.29
C GLN C 184 52.74 -6.96 -24.19
N GLY C 185 53.95 -6.50 -23.96
CA GLY C 185 55.07 -6.95 -24.76
C GLY C 185 54.96 -6.52 -26.21
N LEU C 186 54.41 -5.33 -26.44
CA LEU C 186 54.19 -4.79 -27.80
C LEU C 186 53.32 -5.72 -28.66
N ALA C 187 52.41 -6.44 -28.02
CA ALA C 187 51.40 -7.24 -28.71
C ALA C 187 50.03 -6.99 -28.09
N HIS C 188 49.01 -6.99 -28.94
CA HIS C 188 47.64 -6.77 -28.51
C HIS C 188 46.99 -8.13 -28.29
N PHE C 189 46.48 -8.37 -27.07
CA PHE C 189 45.85 -9.70 -26.97
C PHE C 189 44.33 -9.59 -26.95
N PRO C 190 43.58 -10.44 -27.66
CA PRO C 190 42.13 -10.25 -27.78
C PRO C 190 41.39 -10.68 -26.53
N GLU C 191 40.18 -10.14 -26.37
CA GLU C 191 39.30 -10.49 -25.26
C GLU C 191 38.92 -11.96 -25.27
N THR C 192 39.36 -12.73 -24.28
CA THR C 192 39.18 -14.18 -24.29
C THR C 192 38.24 -14.65 -23.18
N ILE C 193 37.36 -15.60 -23.52
CA ILE C 193 36.56 -16.31 -22.51
C ILE C 193 37.49 -16.98 -21.49
N ALA C 194 36.97 -17.19 -20.28
CA ALA C 194 37.76 -17.88 -19.27
C ALA C 194 37.51 -19.38 -19.36
N GLY C 195 38.24 -20.15 -18.56
CA GLY C 195 38.04 -21.58 -18.47
C GLY C 195 37.11 -21.94 -17.33
N SER C 196 36.62 -23.20 -17.36
CA SER C 196 35.79 -23.73 -16.29
C SER C 196 36.61 -24.41 -15.19
N ASP C 197 37.70 -25.09 -15.55
CA ASP C 197 38.54 -25.80 -14.60
C ASP C 197 39.72 -24.93 -14.18
N ALA C 198 40.10 -25.02 -12.90
CA ALA C 198 41.29 -24.30 -12.42
C ALA C 198 42.54 -24.67 -13.20
N PRO C 199 42.85 -25.95 -13.46
CA PRO C 199 44.05 -26.25 -14.28
C PRO C 199 43.97 -25.73 -15.70
N SER C 200 42.78 -25.41 -16.19
CA SER C 200 42.60 -24.95 -17.57
C SER C 200 43.27 -23.59 -17.76
N LEU C 201 44.33 -23.57 -18.58
CA LEU C 201 45.01 -22.33 -18.96
C LEU C 201 45.27 -22.41 -20.46
N ALA C 202 44.34 -21.88 -21.25
CA ALA C 202 44.50 -21.86 -22.70
C ALA C 202 45.54 -20.81 -23.09
N THR C 203 46.10 -20.97 -24.28
CA THR C 203 47.04 -20.00 -24.83
C THR C 203 46.34 -19.13 -25.87
N VAL C 204 46.60 -17.83 -25.82
CA VAL C 204 46.02 -16.86 -26.75
C VAL C 204 47.15 -16.08 -27.40
N ALA C 205 47.02 -15.86 -28.72
CA ALA C 205 48.12 -15.40 -29.55
C ALA C 205 48.17 -13.88 -29.59
N GLY C 206 49.37 -13.34 -29.40
CA GLY C 206 49.58 -11.91 -29.47
C GLY C 206 49.80 -11.44 -30.90
N THR C 207 49.24 -10.27 -31.20
CA THR C 207 49.42 -9.60 -32.47
C THR C 207 50.36 -8.43 -32.27
N CYS C 208 51.57 -8.53 -32.82
CA CYS C 208 52.54 -7.44 -32.77
C CYS C 208 51.85 -6.15 -33.16
N VAL C 209 52.12 -5.09 -32.41
CA VAL C 209 51.53 -3.80 -32.71
C VAL C 209 52.18 -3.24 -33.98
N ASP C 210 51.61 -2.16 -34.51
CA ASP C 210 52.12 -1.57 -35.72
C ASP C 210 53.61 -1.26 -35.55
N HIS C 211 54.41 -1.70 -36.53
CA HIS C 211 55.87 -1.50 -36.59
C HIS C 211 56.64 -2.35 -35.57
N ALA C 212 56.03 -3.42 -35.06
CA ALA C 212 56.68 -4.36 -34.17
C ALA C 212 56.78 -5.72 -34.87
N VAL C 213 57.80 -6.50 -34.51
CA VAL C 213 57.97 -7.82 -35.12
C VAL C 213 58.36 -8.84 -34.05
N VAL C 214 58.00 -10.09 -34.28
CA VAL C 214 58.58 -11.18 -33.49
C VAL C 214 59.95 -11.47 -34.07
N PRO C 215 61.00 -11.54 -33.25
CA PRO C 215 62.36 -11.63 -33.79
C PRO C 215 62.54 -12.89 -34.62
N PRO C 216 63.54 -12.91 -35.50
CA PRO C 216 63.69 -14.08 -36.40
C PRO C 216 63.83 -15.41 -35.67
N GLY C 217 64.54 -15.45 -34.54
CA GLY C 217 64.67 -16.70 -33.81
C GLY C 217 63.98 -16.77 -32.46
N GLY C 218 62.88 -16.05 -32.26
CA GLY C 218 62.29 -15.90 -30.94
C GLY C 218 60.87 -16.38 -30.77
N GLU C 219 60.43 -16.57 -29.51
CA GLU C 219 59.10 -17.09 -29.26
C GLU C 219 58.02 -16.08 -29.65
N GLU C 220 57.02 -16.57 -30.35
CA GLU C 220 55.85 -15.76 -30.67
C GLU C 220 54.99 -15.55 -29.42
N PRO C 221 54.27 -14.43 -29.32
CA PRO C 221 53.72 -14.03 -28.02
C PRO C 221 52.45 -14.81 -27.68
N ARG C 222 52.47 -15.44 -26.51
CA ARG C 222 51.32 -16.16 -25.98
C ARG C 222 50.98 -15.61 -24.60
N MET C 223 49.69 -15.56 -24.29
CA MET C 223 49.18 -15.27 -22.97
C MET C 223 48.20 -16.38 -22.62
N HIS C 224 47.97 -16.59 -21.32
CA HIS C 224 47.10 -17.64 -20.83
C HIS C 224 45.96 -17.05 -20.01
N CYS C 225 44.73 -17.42 -20.33
CA CYS C 225 43.56 -16.94 -19.61
C CYS C 225 43.20 -17.92 -18.49
N ALA C 226 42.84 -17.38 -17.32
CA ALA C 226 42.58 -18.16 -16.11
C ALA C 226 41.11 -18.07 -15.71
N VAL C 227 40.75 -18.79 -14.65
CA VAL C 227 39.35 -18.91 -14.25
C VAL C 227 38.83 -17.57 -13.70
N ASP C 228 39.66 -16.81 -12.99
CA ASP C 228 39.23 -15.53 -12.48
C ASP C 228 39.06 -14.47 -13.56
N GLY C 229 39.63 -14.70 -14.74
CA GLY C 229 39.65 -13.68 -15.79
C GLY C 229 40.91 -12.84 -15.79
N GLU C 230 41.93 -13.22 -15.03
CA GLU C 230 43.22 -12.54 -15.05
C GLU C 230 44.19 -13.32 -15.92
N TRP C 231 44.93 -12.60 -16.76
CA TRP C 231 45.95 -13.21 -17.61
C TRP C 231 47.13 -13.68 -16.77
N LEU C 232 47.93 -14.60 -17.34
CA LEU C 232 48.98 -15.26 -16.58
C LEU C 232 50.12 -15.68 -17.51
N VAL C 233 51.33 -15.70 -16.95
CA VAL C 233 52.55 -16.30 -17.49
C VAL C 233 52.83 -15.92 -18.95
N PRO C 234 53.24 -14.68 -19.22
CA PRO C 234 53.54 -14.30 -20.62
C PRO C 234 54.61 -15.19 -21.21
N ILE C 235 54.44 -15.52 -22.50
CA ILE C 235 55.40 -16.34 -23.21
C ILE C 235 55.81 -15.58 -24.46
N GLY C 236 57.07 -15.16 -24.51
CA GLY C 236 57.55 -14.41 -25.64
C GLY C 236 57.12 -12.96 -25.60
N GLN C 237 57.43 -12.26 -26.70
CA GLN C 237 57.19 -10.83 -26.83
C GLN C 237 57.45 -10.41 -28.27
N CYS C 238 56.81 -9.32 -28.68
CA CYS C 238 57.21 -8.66 -29.91
C CYS C 238 58.22 -7.58 -29.59
N LEU C 239 58.95 -7.15 -30.60
CA LEU C 239 60.00 -6.15 -30.45
C LEU C 239 59.82 -5.07 -31.48
N CYS C 240 60.21 -3.84 -31.13
CA CYS C 240 60.16 -2.76 -32.09
C CYS C 240 61.19 -3.04 -33.19
N GLN C 241 60.72 -3.11 -34.43
CA GLN C 241 61.61 -3.47 -35.52
C GLN C 241 62.66 -2.39 -35.78
N ALA C 242 63.58 -2.70 -36.70
CA ALA C 242 64.66 -1.77 -37.00
C ALA C 242 64.10 -0.44 -37.49
N GLY C 243 64.75 0.65 -37.07
CA GLY C 243 64.28 2.01 -37.29
C GLY C 243 63.23 2.51 -36.32
N TYR C 244 62.71 1.67 -35.41
CA TYR C 244 61.67 2.05 -34.48
C TYR C 244 62.10 1.70 -33.06
N GLU C 245 61.54 2.42 -32.09
CA GLU C 245 61.86 2.18 -30.69
C GLU C 245 60.58 2.16 -29.88
N LYS C 246 60.63 1.46 -28.75
CA LYS C 246 59.49 1.32 -27.86
C LYS C 246 59.21 2.64 -27.15
N VAL C 247 58.00 3.17 -27.34
CA VAL C 247 57.45 4.30 -26.58
C VAL C 247 56.10 3.87 -26.02
N GLU C 248 56.01 3.75 -24.68
CA GLU C 248 54.87 3.14 -23.99
C GLU C 248 54.67 1.74 -24.58
N ASP C 249 53.49 1.39 -25.07
CA ASP C 249 53.28 0.12 -25.75
C ASP C 249 53.05 0.34 -27.24
N ALA C 250 53.83 1.25 -27.83
CA ALA C 250 53.82 1.44 -29.28
C ALA C 250 55.25 1.50 -29.80
N CYS C 251 55.38 1.41 -31.10
CA CYS C 251 56.68 1.48 -31.76
C CYS C 251 56.76 2.78 -32.52
N GLN C 252 57.78 3.57 -32.19
CA GLN C 252 57.95 4.90 -32.74
C GLN C 252 59.24 4.96 -33.54
N ALA C 253 59.21 5.69 -34.64
CA ALA C 253 60.39 5.87 -35.46
C ALA C 253 61.51 6.51 -34.65
N CYS C 254 62.75 6.24 -35.05
CA CYS C 254 63.89 6.84 -34.38
C CYS C 254 63.90 8.34 -34.64
N SER C 255 64.35 9.11 -33.65
CA SER C 255 64.48 10.54 -33.85
C SER C 255 65.53 10.82 -34.93
N PRO C 256 65.37 11.89 -35.70
CA PRO C 256 66.45 12.27 -36.62
C PRO C 256 67.74 12.42 -35.84
N GLY C 257 68.81 11.83 -36.36
CA GLY C 257 70.06 11.77 -35.63
C GLY C 257 70.29 10.49 -34.82
N PHE C 258 69.35 9.56 -34.87
CA PHE C 258 69.44 8.28 -34.17
C PHE C 258 69.21 7.17 -35.19
N PHE C 259 69.52 5.94 -34.80
CA PHE C 259 69.36 4.80 -35.69
C PHE C 259 69.13 3.56 -34.83
N LYS C 260 68.62 2.49 -35.44
CA LYS C 260 68.52 1.18 -34.79
C LYS C 260 68.72 0.09 -35.84
N PHE C 261 69.81 -0.66 -35.70
CA PHE C 261 70.19 -1.63 -36.72
C PHE C 261 69.11 -2.69 -36.90
N GLU C 262 68.62 -3.23 -35.80
CA GLU C 262 67.78 -4.40 -35.87
C GLU C 262 66.72 -4.33 -34.79
N ALA C 263 65.77 -5.25 -34.86
CA ALA C 263 64.77 -5.35 -33.82
C ALA C 263 65.43 -5.77 -32.51
N SER C 264 65.17 -5.01 -31.45
CA SER C 264 65.72 -5.27 -30.13
C SER C 264 64.88 -4.52 -29.11
N GLU C 265 65.22 -4.70 -27.83
CA GLU C 265 64.52 -3.99 -26.76
C GLU C 265 65.09 -2.60 -26.52
N SER C 266 66.31 -2.36 -26.98
CA SER C 266 67.05 -1.17 -26.66
C SER C 266 66.49 0.04 -27.41
N PRO C 267 66.74 1.24 -26.93
CA PRO C 267 66.32 2.44 -27.66
C PRO C 267 67.25 2.69 -28.83
N CYS C 268 66.81 3.58 -29.72
CA CYS C 268 67.68 4.03 -30.80
C CYS C 268 68.98 4.59 -30.23
N LEU C 269 70.06 4.38 -30.96
CA LEU C 269 71.38 4.86 -30.59
C LEU C 269 71.69 6.15 -31.35
N GLU C 270 72.45 7.04 -30.72
CA GLU C 270 72.91 8.22 -31.44
C GLU C 270 73.80 7.79 -32.60
N CYS C 271 73.64 8.47 -33.73
CA CYS C 271 74.48 8.23 -34.89
C CYS C 271 75.94 8.24 -34.44
N PRO C 272 76.73 7.21 -34.80
CA PRO C 272 78.10 7.13 -34.28
C PRO C 272 79.00 8.27 -34.75
N GLU C 273 80.23 8.28 -34.25
CA GLU C 273 81.15 9.36 -34.58
C GLU C 273 81.54 9.33 -36.06
N HIS C 274 81.76 10.52 -36.61
CA HIS C 274 82.08 10.74 -38.03
C HIS C 274 80.98 10.24 -38.96
N THR C 275 79.73 10.55 -38.63
CA THR C 275 78.60 10.19 -39.47
C THR C 275 77.74 11.43 -39.74
N LEU C 276 76.89 11.31 -40.77
CA LEU C 276 75.87 12.30 -41.07
C LEU C 276 74.63 12.03 -40.23
N PRO C 277 74.08 13.05 -39.53
CA PRO C 277 72.80 12.86 -38.83
C PRO C 277 71.72 12.30 -39.75
N SER C 278 71.16 11.18 -39.33
CA SER C 278 70.22 10.39 -40.09
C SER C 278 68.85 11.07 -40.15
N PRO C 279 68.07 10.80 -41.19
CA PRO C 279 66.69 11.28 -41.20
C PRO C 279 65.83 10.52 -40.20
N GLU C 280 64.56 10.87 -40.09
CA GLU C 280 63.66 10.17 -39.20
C GLU C 280 63.61 8.69 -39.55
N GLY C 281 63.61 7.85 -38.51
CA GLY C 281 63.39 6.41 -38.64
C GLY C 281 64.44 5.60 -39.40
N ALA C 282 65.72 5.90 -39.19
CA ALA C 282 66.79 5.27 -39.96
C ALA C 282 67.28 3.97 -39.31
N THR C 283 67.92 3.14 -40.13
CA THR C 283 68.55 1.89 -39.69
C THR C 283 70.04 2.01 -39.48
N SER C 284 70.68 2.97 -40.14
CA SER C 284 72.11 3.17 -40.14
C SER C 284 72.38 4.63 -40.46
N CYS C 285 73.53 5.12 -40.03
CA CYS C 285 73.90 6.49 -40.30
C CYS C 285 75.03 6.51 -41.34
N GLU C 286 74.83 7.32 -42.37
CA GLU C 286 75.76 7.47 -43.49
C GLU C 286 77.09 8.02 -43.02
N CYS C 287 78.18 7.54 -43.63
CA CYS C 287 79.51 8.01 -43.27
C CYS C 287 79.70 9.46 -43.69
N GLU C 288 80.23 10.28 -42.79
CA GLU C 288 80.54 11.66 -43.12
C GLU C 288 81.44 11.73 -44.36
N GLU C 289 81.25 12.78 -45.15
CA GLU C 289 81.94 12.90 -46.44
C GLU C 289 83.45 12.83 -46.22
N GLY C 290 84.11 12.01 -47.04
CA GLY C 290 85.53 11.79 -46.87
C GLY C 290 85.90 10.69 -45.88
N PHE C 291 84.95 10.20 -45.10
CA PHE C 291 85.18 9.08 -44.19
C PHE C 291 84.59 7.80 -44.80
N PHE C 292 84.92 6.66 -44.21
CA PHE C 292 84.37 5.38 -44.64
C PHE C 292 84.19 4.46 -43.42
N ARG C 293 83.52 3.34 -43.66
CA ARG C 293 83.39 2.28 -42.66
C ARG C 293 84.00 1.00 -43.21
N ALA C 294 84.68 0.25 -42.35
CA ALA C 294 85.25 -1.02 -42.78
C ALA C 294 84.12 -1.98 -43.16
N PRO C 295 84.24 -2.68 -44.29
CA PRO C 295 83.15 -3.59 -44.72
C PRO C 295 82.85 -4.73 -43.76
N GLN C 296 83.84 -5.19 -42.98
CA GLN C 296 83.57 -6.16 -41.93
C GLN C 296 82.81 -5.54 -40.75
N ASP C 297 82.84 -4.22 -40.60
CA ASP C 297 82.31 -3.51 -39.44
C ASP C 297 80.83 -3.19 -39.63
N PRO C 298 80.04 -3.41 -38.59
CA PRO C 298 78.62 -3.06 -38.66
C PRO C 298 78.39 -1.56 -38.57
N ALA C 299 77.17 -1.15 -38.91
CA ALA C 299 76.87 0.28 -38.96
C ALA C 299 76.89 0.96 -37.59
N SER C 300 76.89 0.19 -36.50
CA SER C 300 77.09 0.82 -35.20
C SER C 300 78.51 1.34 -35.04
N MET C 301 79.44 0.92 -35.89
CA MET C 301 80.81 1.36 -35.76
C MET C 301 80.94 2.82 -36.19
N PRO C 302 81.83 3.56 -35.54
CA PRO C 302 82.19 4.87 -36.08
C PRO C 302 82.93 4.74 -37.41
N CYS C 303 82.78 5.76 -38.25
CA CYS C 303 83.50 5.80 -39.52
C CYS C 303 84.91 6.36 -39.32
N THR C 304 85.88 5.82 -40.06
CA THR C 304 87.26 6.31 -40.06
C THR C 304 87.54 7.09 -41.34
N LEU C 305 88.60 7.89 -41.27
CA LEU C 305 89.00 8.69 -42.43
C LEU C 305 89.55 7.80 -43.53
N VAL C 306 89.28 8.20 -44.77
CA VAL C 306 89.80 7.53 -45.96
C VAL C 306 91.29 7.85 -46.08
N PRO C 307 92.18 6.86 -45.89
CA PRO C 307 93.62 7.10 -45.86
C PRO C 307 94.20 7.48 -47.21
#